data_4YZ9
#
_entry.id   4YZ9
#
_cell.length_a   244.004
_cell.length_b   77.767
_cell.length_c   88.313
_cell.angle_alpha   90.00
_cell.angle_beta   90.00
_cell.angle_gamma   90.00
#
_symmetry.space_group_name_H-M   'P 21 21 2'
#
loop_
_entity.id
_entity.type
_entity.pdbx_description
1 polymer 'Serine/threonine-protein kinase/endoribonuclease IRE1'
2 non-polymer (5R)-2-(3,4-dichlorobenzyl)-N-(4-methylbenzyl)-2,7-diazaspiro[4.5]decane-7-carboxamide
3 water water
#
_entity_poly.entity_id   1
_entity_poly.type   'polypeptide(L)'
_entity_poly.pdbx_seq_one_letter_code
;SVVIVGKISFCPKDVLGHGAEGTIVYRGMFDNRDVAVKRILPECFSFADREVQLLRESDEHPNVIRYFCTEKDRQFQYIA
IELCAATLQEYVEQKDFAHLGLEPITLLQQTTSGLAHLHSLNIVHRDLKPHNILISMPNAHGKIKAMISDFGLCKKLAVG
RHSFSRRSGVPGTEGWIAPEMLSEDCKENPTYTVDIFSAGCVFYYVISEGSHPFGKSLQRQANILLGACSLDCLHPEKHE
DVIARELIEKMIAMDPQKRPSAKHVLKHPFFWSLEKQLQFFQDVSDRIEKESLDGPIVKQLERGGRAVVKMDWRENITVP
LQTDLRKFRTYKGGSVRDLLRAMRNKKHHYRELPAEVRETLGSLPDDFVCYFTSRFPHLLAHTYRAMELCSHERLFQPYY
FHEPP
;
_entity_poly.pdbx_strand_id   A,B,C
#
loop_
_chem_comp.id
_chem_comp.type
_chem_comp.name
_chem_comp.formula
4K7 non-polymer (5R)-2-(3,4-dichlorobenzyl)-N-(4-methylbenzyl)-2,7-diazaspiro[4.5]decane-7-carboxamide 'C24 H29 Cl2 N3 O'
#
# COMPACT_ATOMS: atom_id res chain seq x y z
N SER A 1 -38.91 31.55 -18.35
CA SER A 1 -39.46 32.10 -17.12
C SER A 1 -38.37 32.30 -16.07
N VAL A 2 -38.57 33.29 -15.20
CA VAL A 2 -37.61 33.58 -14.13
C VAL A 2 -38.39 34.05 -12.92
N VAL A 3 -37.85 33.79 -11.73
CA VAL A 3 -38.40 34.27 -10.47
C VAL A 3 -37.30 35.02 -9.74
N ILE A 4 -37.59 36.27 -9.38
CA ILE A 4 -36.65 37.11 -8.65
C ILE A 4 -37.24 37.38 -7.27
N VAL A 5 -36.69 36.73 -6.24
CA VAL A 5 -37.09 36.96 -4.85
C VAL A 5 -36.15 37.90 -4.10
N GLY A 6 -35.07 38.34 -4.71
CA GLY A 6 -34.05 39.05 -3.94
C GLY A 6 -32.77 39.11 -4.73
N LYS A 7 -31.65 39.22 -3.99
CA LYS A 7 -30.37 38.97 -4.63
C LYS A 7 -30.36 37.60 -5.29
N ILE A 8 -31.17 36.67 -4.77
CA ILE A 8 -31.35 35.36 -5.38
C ILE A 8 -32.38 35.45 -6.49
N SER A 9 -32.18 34.65 -7.53
CA SER A 9 -33.13 34.50 -8.62
C SER A 9 -32.95 33.10 -9.19
N PHE A 10 -34.01 32.56 -9.77
CA PHE A 10 -33.95 31.20 -10.29
C PHE A 10 -34.98 31.03 -11.39
N CYS A 11 -34.98 29.85 -11.99
CA CYS A 11 -35.87 29.51 -13.10
C CYS A 11 -36.80 28.38 -12.66
N PRO A 12 -38.12 28.60 -12.58
CA PRO A 12 -39.00 27.52 -12.13
C PRO A 12 -39.08 26.35 -13.10
N LYS A 13 -38.89 26.61 -14.40
CA LYS A 13 -38.99 25.53 -15.38
C LYS A 13 -37.79 24.60 -15.34
N ASP A 14 -36.70 25.00 -14.70
CA ASP A 14 -35.49 24.18 -14.61
C ASP A 14 -35.35 23.70 -13.18
N VAL A 15 -35.59 22.41 -12.96
CA VAL A 15 -35.52 21.79 -11.65
C VAL A 15 -34.27 20.93 -11.63
N LEU A 16 -33.36 21.25 -10.72
CA LEU A 16 -32.11 20.50 -10.63
C LEU A 16 -32.27 19.21 -9.83
N GLY A 17 -33.07 19.21 -8.76
CA GLY A 17 -33.17 18.02 -7.94
C GLY A 17 -34.26 18.13 -6.91
N HIS A 18 -34.69 16.96 -6.41
CA HIS A 18 -35.65 16.87 -5.32
C HIS A 18 -35.12 15.92 -4.25
N GLY A 19 -34.71 16.45 -3.09
CA GLY A 19 -34.74 15.70 -1.84
C GLY A 19 -35.72 16.08 -0.72
N ALA A 20 -35.88 15.20 0.28
CA ALA A 20 -35.85 15.59 1.70
C ALA A 20 -36.80 16.70 2.19
N GLU A 21 -38.06 16.34 2.53
CA GLU A 21 -39.04 17.27 3.11
C GLU A 21 -39.63 18.24 2.10
N GLY A 22 -39.90 17.75 0.90
CA GLY A 22 -40.57 18.57 -0.09
C GLY A 22 -39.71 19.67 -0.66
N THR A 23 -38.40 19.64 -0.40
CA THR A 23 -37.49 20.62 -0.94
C THR A 23 -37.28 20.37 -2.42
N ILE A 24 -37.28 21.46 -3.19
CA ILE A 24 -37.05 21.40 -4.64
C ILE A 24 -35.97 22.40 -4.99
N VAL A 25 -35.07 22.00 -5.88
CA VAL A 25 -33.88 22.76 -6.21
C VAL A 25 -33.94 23.18 -7.68
N TYR A 26 -33.76 24.48 -7.93
CA TYR A 26 -33.82 25.04 -9.26
C TYR A 26 -32.47 25.66 -9.63
N ARG A 27 -32.22 25.75 -10.93
CA ARG A 27 -31.09 26.50 -11.42
C ARG A 27 -31.37 27.99 -11.28
N GLY A 28 -30.34 28.75 -10.91
CA GLY A 28 -30.54 30.15 -10.61
C GLY A 28 -29.23 30.90 -10.55
N MET A 29 -29.29 32.10 -10.01
CA MET A 29 -28.11 32.94 -9.88
C MET A 29 -28.17 33.74 -8.58
N PHE A 30 -27.00 33.95 -7.99
CA PHE A 30 -26.82 34.84 -6.85
C PHE A 30 -25.49 35.57 -6.99
N ASP A 31 -25.52 36.89 -6.88
CA ASP A 31 -24.30 37.71 -6.93
C ASP A 31 -23.49 37.41 -8.18
N ASN A 32 -24.17 37.29 -9.31
CA ASN A 32 -23.56 36.99 -10.61
C ASN A 32 -22.83 35.65 -10.64
N ARG A 33 -23.22 34.73 -9.76
CA ARG A 33 -22.76 33.35 -9.79
C ARG A 33 -23.90 32.48 -10.30
N ASP A 34 -23.54 31.41 -11.02
CA ASP A 34 -24.50 30.34 -11.31
C ASP A 34 -24.57 29.45 -10.08
N VAL A 35 -25.77 29.28 -9.54
CA VAL A 35 -25.99 28.52 -8.31
C VAL A 35 -27.22 27.63 -8.48
N ALA A 36 -27.37 26.69 -7.56
CA ALA A 36 -28.62 25.97 -7.37
C ALA A 36 -29.38 26.64 -6.22
N VAL A 37 -30.71 26.71 -6.35
CA VAL A 37 -31.55 27.41 -5.39
C VAL A 37 -32.54 26.42 -4.79
N LYS A 38 -32.47 26.22 -3.48
CA LYS A 38 -33.40 25.35 -2.77
C LYS A 38 -34.60 26.15 -2.28
N ARG A 39 -35.79 25.58 -2.45
CA ARG A 39 -37.02 26.17 -1.92
C ARG A 39 -37.44 25.39 -0.68
N ILE A 40 -37.39 26.05 0.47
CA ILE A 40 -37.73 25.43 1.74
C ILE A 40 -39.21 25.66 2.01
N LEU A 41 -39.94 24.58 2.28
CA LEU A 41 -41.35 24.69 2.61
C LEU A 41 -41.52 25.01 4.09
N PRO A 42 -42.69 25.52 4.48
CA PRO A 42 -42.89 25.91 5.89
C PRO A 42 -42.64 24.78 6.87
N GLU A 43 -42.90 23.53 6.48
CA GLU A 43 -42.66 22.41 7.37
C GLU A 43 -41.18 22.26 7.70
N CYS A 44 -40.30 22.68 6.79
CA CYS A 44 -38.86 22.53 6.95
C CYS A 44 -38.16 23.78 7.49
N PHE A 45 -38.90 24.87 7.74
CA PHE A 45 -38.26 26.11 8.20
C PHE A 45 -37.35 25.88 9.39
N SER A 46 -37.88 25.23 10.44
CA SER A 46 -37.11 25.04 11.67
C SER A 46 -35.85 24.23 11.42
N PHE A 47 -35.96 23.15 10.64
CA PHE A 47 -34.78 22.35 10.32
C PHE A 47 -33.74 23.18 9.59
N ALA A 48 -34.18 23.91 8.55
CA ALA A 48 -33.27 24.77 7.79
C ALA A 48 -32.51 25.72 8.71
N ASP A 49 -33.24 26.61 9.39
CA ASP A 49 -32.61 27.66 10.19
C ASP A 49 -31.53 27.11 11.11
N ARG A 50 -31.83 26.02 11.80
CA ARG A 50 -30.86 25.44 12.73
C ARG A 50 -29.59 25.00 12.01
N GLU A 51 -29.73 24.40 10.83
CA GLU A 51 -28.57 23.88 10.11
C GLU A 51 -27.79 24.99 9.43
N VAL A 52 -28.47 25.96 8.81
CA VAL A 52 -27.78 27.10 8.23
C VAL A 52 -26.92 27.78 9.28
N GLN A 53 -27.51 28.09 10.44
CA GLN A 53 -26.77 28.77 11.49
C GLN A 53 -25.58 27.95 11.95
N LEU A 54 -25.78 26.64 12.12
CA LEU A 54 -24.70 25.78 12.59
C LEU A 54 -23.58 25.70 11.55
N LEU A 55 -23.95 25.63 10.28
CA LEU A 55 -22.95 25.61 9.22
C LEU A 55 -22.25 26.96 9.11
N ARG A 56 -23.01 28.05 9.26
CA ARG A 56 -22.43 29.38 9.18
C ARG A 56 -21.44 29.64 10.31
N GLU A 57 -21.65 29.03 11.47
CA GLU A 57 -20.86 29.34 12.66
C GLU A 57 -19.57 28.55 12.76
N SER A 58 -19.26 27.69 11.78
CA SER A 58 -18.01 26.96 11.75
C SER A 58 -17.32 27.20 10.41
N ASP A 59 -16.14 26.61 10.26
CA ASP A 59 -15.37 26.81 9.04
C ASP A 59 -15.96 25.99 7.89
N GLU A 60 -15.66 26.44 6.68
CA GLU A 60 -16.13 25.75 5.48
C GLU A 60 -15.30 24.50 5.25
N HIS A 61 -15.97 23.38 5.12
CA HIS A 61 -15.34 22.12 4.77
C HIS A 61 -15.39 21.94 3.26
N PRO A 62 -14.29 21.52 2.61
CA PRO A 62 -14.30 21.41 1.15
C PRO A 62 -15.27 20.34 0.62
N ASN A 63 -15.59 19.35 1.45
CA ASN A 63 -16.43 18.21 1.05
C ASN A 63 -17.89 18.36 1.47
N VAL A 64 -18.30 19.51 2.00
CA VAL A 64 -19.71 19.83 2.22
C VAL A 64 -20.09 20.93 1.25
N ILE A 65 -21.23 20.74 0.55
CA ILE A 65 -21.66 21.69 -0.46
C ILE A 65 -21.76 23.08 0.16
N ARG A 66 -21.35 24.09 -0.60
CA ARG A 66 -21.17 25.42 -0.05
C ARG A 66 -22.49 26.17 0.02
N TYR A 67 -22.65 26.93 1.10
CA TYR A 67 -23.84 27.74 1.32
C TYR A 67 -23.50 29.20 1.05
N PHE A 68 -24.33 29.85 0.24
CA PHE A 68 -24.11 31.22 -0.23
C PHE A 68 -24.96 32.22 0.55
N CYS A 69 -26.27 32.06 0.52
CA CYS A 69 -27.15 33.12 1.00
C CYS A 69 -28.57 32.59 1.02
N THR A 70 -29.44 33.31 1.73
CA THR A 70 -30.83 32.93 1.85
C THR A 70 -31.71 34.17 1.77
N GLU A 71 -32.88 34.02 1.14
CA GLU A 71 -33.91 35.05 1.07
C GLU A 71 -35.23 34.44 1.49
N LYS A 72 -36.07 35.26 2.13
CA LYS A 72 -37.34 34.80 2.68
C LYS A 72 -38.47 35.67 2.17
N ASP A 73 -39.46 35.05 1.54
CA ASP A 73 -40.78 35.64 1.38
C ASP A 73 -41.67 35.10 2.50
N ARG A 74 -42.96 35.40 2.44
CA ARG A 74 -43.88 34.90 3.46
C ARG A 74 -43.99 33.38 3.39
N GLN A 75 -44.20 32.84 2.19
CA GLN A 75 -44.58 31.44 2.03
C GLN A 75 -43.41 30.46 1.95
N PHE A 76 -42.17 30.92 1.70
CA PHE A 76 -41.04 30.01 1.53
C PHE A 76 -39.77 30.64 2.06
N GLN A 77 -38.68 29.85 2.00
CA GLN A 77 -37.32 30.35 2.04
C GLN A 77 -36.64 29.94 0.74
N TYR A 78 -35.61 30.68 0.36
CA TYR A 78 -34.84 30.39 -0.84
C TYR A 78 -33.38 30.43 -0.45
N ILE A 79 -32.69 29.29 -0.60
CA ILE A 79 -31.30 29.14 -0.21
C ILE A 79 -30.49 28.85 -1.48
N ALA A 80 -29.47 29.66 -1.71
CA ALA A 80 -28.57 29.47 -2.84
C ALA A 80 -27.39 28.60 -2.41
N ILE A 81 -27.19 27.49 -3.11
CA ILE A 81 -26.13 26.53 -2.80
C ILE A 81 -25.26 26.32 -4.02
N GLU A 82 -24.07 25.76 -3.79
CA GLU A 82 -23.10 25.54 -4.84
C GLU A 82 -23.68 24.65 -5.92
N LEU A 83 -23.40 25.00 -7.18
CA LEU A 83 -23.83 24.23 -8.34
C LEU A 83 -22.77 23.20 -8.71
N CYS A 84 -23.23 21.98 -8.98
CA CYS A 84 -22.37 20.83 -9.17
C CYS A 84 -22.57 20.21 -10.54
N ALA A 85 -21.55 19.46 -10.98
CA ALA A 85 -21.53 18.87 -12.31
C ALA A 85 -22.39 17.62 -12.41
N ALA A 86 -22.28 16.72 -11.44
CA ALA A 86 -22.94 15.42 -11.51
C ALA A 86 -23.06 14.83 -10.12
N THR A 87 -23.66 13.65 -10.03
CA THR A 87 -23.80 12.92 -8.79
C THR A 87 -22.82 11.75 -8.76
N LEU A 88 -22.81 11.04 -7.62
CA LEU A 88 -21.98 9.84 -7.51
C LEU A 88 -22.59 8.69 -8.29
N GLN A 89 -23.91 8.66 -8.44
CA GLN A 89 -24.55 7.66 -9.29
C GLN A 89 -24.02 7.74 -10.71
N GLU A 90 -23.93 8.95 -11.26
CA GLU A 90 -23.39 9.12 -12.61
C GLU A 90 -21.90 8.77 -12.65
N TYR A 91 -21.15 9.18 -11.62
CA TYR A 91 -19.72 8.88 -11.58
C TYR A 91 -19.48 7.37 -11.65
N VAL A 92 -20.27 6.58 -10.93
CA VAL A 92 -20.06 5.14 -10.89
C VAL A 92 -20.58 4.50 -12.18
N GLU A 93 -21.79 4.89 -12.61
CA GLU A 93 -22.42 4.23 -13.75
C GLU A 93 -21.80 4.68 -15.07
N GLN A 94 -21.54 5.98 -15.22
CA GLN A 94 -21.09 6.48 -16.52
C GLN A 94 -19.65 6.09 -16.81
N LYS A 95 -18.78 6.13 -15.80
CA LYS A 95 -17.35 5.86 -15.95
C LYS A 95 -16.61 7.05 -16.56
N ASP A 96 -17.33 8.11 -16.94
CA ASP A 96 -16.71 9.23 -17.66
C ASP A 96 -15.55 9.84 -16.89
N PHE A 97 -15.59 9.80 -15.56
CA PHE A 97 -14.62 10.50 -14.73
C PHE A 97 -13.33 9.74 -14.52
N ALA A 98 -13.19 8.56 -15.14
CA ALA A 98 -11.99 7.75 -14.98
C ALA A 98 -10.72 8.57 -15.19
N HIS A 99 -10.73 9.44 -16.19
CA HIS A 99 -9.55 10.21 -16.57
C HIS A 99 -9.48 11.59 -15.92
N LEU A 100 -10.44 11.93 -15.05
CA LEU A 100 -10.47 13.26 -14.44
C LEU A 100 -9.70 13.35 -13.12
N GLY A 101 -9.04 12.27 -12.69
CA GLY A 101 -8.10 12.35 -11.60
C GLY A 101 -8.67 12.10 -10.21
N LEU A 102 -9.99 11.99 -10.08
CA LEU A 102 -10.59 11.69 -8.79
C LEU A 102 -10.80 10.18 -8.70
N GLU A 103 -10.02 9.55 -7.80
CA GLU A 103 -10.02 8.09 -7.67
C GLU A 103 -11.11 7.64 -6.70
N PRO A 104 -11.60 6.40 -6.86
CA PRO A 104 -12.71 5.96 -5.99
C PRO A 104 -12.40 6.04 -4.50
N ILE A 105 -11.22 5.60 -4.08
CA ILE A 105 -10.93 5.55 -2.64
C ILE A 105 -10.80 6.95 -2.08
N THR A 106 -10.22 7.88 -2.85
CA THR A 106 -10.09 9.25 -2.37
C THR A 106 -11.43 9.95 -2.36
N LEU A 107 -12.33 9.58 -3.30
CA LEU A 107 -13.69 10.08 -3.28
C LEU A 107 -14.41 9.66 -2.00
N LEU A 108 -14.23 8.41 -1.58
CA LEU A 108 -14.88 7.95 -0.36
C LEU A 108 -14.28 8.60 0.88
N GLN A 109 -12.97 8.89 0.86
CA GLN A 109 -12.34 9.60 1.96
C GLN A 109 -12.92 11.01 2.10
N GLN A 110 -13.14 11.68 0.98
CA GLN A 110 -13.77 13.00 1.01
C GLN A 110 -15.20 12.91 1.51
N THR A 111 -15.97 11.96 0.98
CA THR A 111 -17.34 11.74 1.46
C THR A 111 -17.37 11.49 2.96
N THR A 112 -16.43 10.68 3.46
CA THR A 112 -16.40 10.40 4.89
C THR A 112 -15.94 11.62 5.69
N SER A 113 -14.99 12.39 5.13
CA SER A 113 -14.52 13.58 5.82
C SER A 113 -15.63 14.63 5.94
N GLY A 114 -16.42 14.81 4.89
CA GLY A 114 -17.53 15.73 4.96
C GLY A 114 -18.62 15.26 5.90
N LEU A 115 -18.85 13.94 5.94
CA LEU A 115 -19.83 13.41 6.86
C LEU A 115 -19.37 13.58 8.31
N ALA A 116 -18.08 13.42 8.56
CA ALA A 116 -17.55 13.63 9.91
C ALA A 116 -17.68 15.08 10.34
N HIS A 117 -17.53 16.01 9.39
CA HIS A 117 -17.71 17.43 9.71
C HIS A 117 -19.15 17.72 10.10
N LEU A 118 -20.11 17.12 9.41
CA LEU A 118 -21.52 17.30 9.79
C LEU A 118 -21.78 16.72 11.16
N HIS A 119 -21.31 15.49 11.40
CA HIS A 119 -21.55 14.84 12.69
C HIS A 119 -20.92 15.63 13.84
N SER A 120 -19.80 16.31 13.60
CA SER A 120 -19.19 17.12 14.65
C SER A 120 -20.05 18.33 15.00
N LEU A 121 -20.96 18.73 14.13
CA LEU A 121 -21.89 19.82 14.38
C LEU A 121 -23.22 19.33 14.94
N ASN A 122 -23.35 18.04 15.23
CA ASN A 122 -24.63 17.44 15.63
C ASN A 122 -25.67 17.58 14.53
N ILE A 123 -25.24 17.38 13.28
CA ILE A 123 -26.13 17.30 12.12
C ILE A 123 -26.06 15.87 11.60
N VAL A 124 -27.24 15.28 11.37
CA VAL A 124 -27.36 13.94 10.80
C VAL A 124 -28.06 14.08 9.45
N HIS A 125 -27.47 13.47 8.43
CA HIS A 125 -27.99 13.59 7.08
C HIS A 125 -29.36 12.93 6.96
N ARG A 126 -29.42 11.64 7.29
CA ARG A 126 -30.59 10.77 7.29
C ARG A 126 -31.02 10.33 5.90
N ASP A 127 -30.61 11.08 4.87
CA ASP A 127 -30.91 10.76 3.47
C ASP A 127 -29.75 10.14 2.69
N LEU A 128 -28.58 9.96 3.30
CA LEU A 128 -27.36 9.79 2.52
C LEU A 128 -27.45 8.64 1.53
N LYS A 129 -27.11 8.94 0.27
CA LYS A 129 -27.10 7.96 -0.80
C LYS A 129 -26.28 8.48 -1.97
N PRO A 130 -26.05 7.68 -3.02
CA PRO A 130 -25.19 8.16 -4.12
C PRO A 130 -25.76 9.36 -4.85
N HIS A 131 -27.08 9.49 -4.87
CA HIS A 131 -27.70 10.63 -5.53
C HIS A 131 -27.42 11.93 -4.79
N ASN A 132 -27.20 11.87 -3.48
CA ASN A 132 -26.95 13.03 -2.64
C ASN A 132 -25.47 13.42 -2.58
N ILE A 133 -24.57 12.59 -3.09
CA ILE A 133 -23.13 12.86 -3.07
C ILE A 133 -22.77 13.40 -4.45
N LEU A 134 -22.37 14.66 -4.51
CA LEU A 134 -22.21 15.38 -5.77
C LEU A 134 -20.74 15.57 -6.12
N ILE A 135 -20.46 15.59 -7.42
CA ILE A 135 -19.14 15.87 -7.95
C ILE A 135 -19.08 17.36 -8.31
N SER A 136 -18.08 18.06 -7.77
CA SER A 136 -18.00 19.50 -7.92
C SER A 136 -17.64 19.88 -9.35
N MET A 137 -17.93 21.14 -9.68
CA MET A 137 -17.44 21.71 -10.92
C MET A 137 -15.91 21.70 -10.93
N PRO A 138 -15.29 21.64 -12.10
CA PRO A 138 -13.82 21.63 -12.16
C PRO A 138 -13.22 22.87 -11.51
N ASN A 139 -12.07 22.67 -10.88
CA ASN A 139 -11.29 23.75 -10.31
C ASN A 139 -10.62 24.56 -11.43
N ALA A 140 -9.84 25.57 -11.05
CA ALA A 140 -9.05 26.30 -12.03
C ALA A 140 -8.11 25.37 -12.78
N HIS A 141 -7.59 24.37 -12.09
CA HIS A 141 -6.69 23.37 -12.66
C HIS A 141 -7.42 22.12 -13.12
N GLY A 142 -8.74 22.09 -13.06
CA GLY A 142 -9.50 20.94 -13.47
C GLY A 142 -9.68 19.89 -12.40
N LYS A 143 -9.29 20.17 -11.18
CA LYS A 143 -9.46 19.20 -10.11
C LYS A 143 -10.93 19.16 -9.70
N ILE A 144 -11.43 17.95 -9.42
CA ILE A 144 -12.79 17.76 -8.96
C ILE A 144 -12.76 17.00 -7.64
N LYS A 145 -13.86 17.12 -6.91
CA LYS A 145 -13.97 16.60 -5.56
C LYS A 145 -15.42 16.18 -5.32
N ALA A 146 -15.60 15.38 -4.28
CA ALA A 146 -16.91 14.90 -3.86
C ALA A 146 -17.41 15.73 -2.70
N MET A 147 -18.73 15.94 -2.65
CA MET A 147 -19.32 16.80 -1.65
C MET A 147 -20.64 16.23 -1.16
N ILE A 148 -20.86 16.32 0.16
CA ILE A 148 -22.14 15.96 0.76
C ILE A 148 -23.17 17.04 0.47
N SER A 149 -24.37 16.62 0.10
CA SER A 149 -25.49 17.51 -0.14
C SER A 149 -26.78 16.83 0.29
N ASP A 150 -27.78 17.65 0.64
CA ASP A 150 -29.07 17.08 1.02
C ASP A 150 -29.89 16.68 -0.20
N PHE A 151 -29.66 17.30 -1.34
CA PHE A 151 -30.41 17.03 -2.55
C PHE A 151 -29.53 16.38 -3.61
N GLY A 152 -30.13 15.50 -4.41
CA GLY A 152 -29.49 14.93 -5.56
C GLY A 152 -29.92 15.62 -6.84
N LEU A 153 -29.24 15.30 -7.93
CA LEU A 153 -29.51 15.90 -9.22
C LEU A 153 -30.35 14.95 -10.08
N CYS A 154 -30.71 15.42 -11.27
CA CYS A 154 -31.56 14.65 -12.18
C CYS A 154 -30.72 13.93 -13.23
N GLY A 172 -32.82 4.19 -8.78
CA GLY A 172 -32.60 3.26 -7.69
C GLY A 172 -32.32 3.98 -6.38
N THR A 173 -33.33 4.70 -5.88
CA THR A 173 -33.21 5.53 -4.70
C THR A 173 -33.58 4.81 -3.41
N GLU A 174 -34.03 3.56 -3.49
CA GLU A 174 -34.52 2.80 -2.35
C GLU A 174 -33.44 1.90 -1.79
N GLY A 175 -33.44 1.73 -0.47
CA GLY A 175 -32.59 0.76 0.20
C GLY A 175 -31.35 1.32 0.88
N TRP A 176 -31.26 2.62 1.08
CA TRP A 176 -30.11 3.25 1.73
C TRP A 176 -30.34 3.54 3.22
N ILE A 177 -31.49 3.19 3.77
CA ILE A 177 -31.86 3.58 5.12
C ILE A 177 -31.49 2.49 6.10
N ALA A 178 -31.01 2.90 7.27
CA ALA A 178 -30.64 1.95 8.30
C ALA A 178 -31.87 1.20 8.81
N PRO A 179 -31.71 -0.05 9.25
CA PRO A 179 -32.88 -0.80 9.71
C PRO A 179 -33.63 -0.13 10.85
N GLU A 180 -32.91 0.47 11.81
CA GLU A 180 -33.55 0.92 13.04
C GLU A 180 -34.66 1.93 12.80
N MET A 181 -34.56 2.72 11.72
CA MET A 181 -35.60 3.70 11.41
C MET A 181 -36.47 3.14 10.28
N LEU A 182 -37.71 2.79 10.63
CA LEU A 182 -38.66 2.22 9.68
C LEU A 182 -39.92 1.79 10.42
N GLU A 188 -38.29 12.22 16.82
CA GLU A 188 -37.28 11.37 16.21
C GLU A 188 -35.93 12.08 16.14
N ASN A 189 -34.92 11.50 16.79
CA ASN A 189 -33.59 12.09 16.87
C ASN A 189 -32.57 10.99 16.60
N PRO A 190 -32.40 10.61 15.33
CA PRO A 190 -31.38 9.61 15.00
C PRO A 190 -29.98 10.13 15.26
N THR A 191 -29.05 9.20 15.50
CA THR A 191 -27.67 9.52 15.75
C THR A 191 -26.86 9.36 14.46
N TYR A 192 -25.56 9.67 14.56
CA TYR A 192 -24.67 9.55 13.42
C TYR A 192 -24.67 8.13 12.84
N THR A 193 -24.98 7.13 13.67
CA THR A 193 -24.85 5.73 13.24
C THR A 193 -25.74 5.41 12.05
N VAL A 194 -26.85 6.13 11.89
CA VAL A 194 -27.72 5.92 10.73
C VAL A 194 -26.97 6.23 9.44
N ASP A 195 -26.24 7.35 9.43
CA ASP A 195 -25.50 7.73 8.23
C ASP A 195 -24.37 6.76 7.93
N ILE A 196 -23.77 6.17 8.96
CA ILE A 196 -22.66 5.23 8.75
C ILE A 196 -23.16 4.00 7.99
N PHE A 197 -24.38 3.55 8.29
CA PHE A 197 -24.94 2.43 7.55
C PHE A 197 -25.12 2.80 6.08
N SER A 198 -25.68 3.98 5.82
CA SER A 198 -25.82 4.45 4.45
C SER A 198 -24.46 4.56 3.78
N ALA A 199 -23.49 5.16 4.48
CA ALA A 199 -22.14 5.27 3.94
C ALA A 199 -21.58 3.89 3.61
N GLY A 200 -21.84 2.90 4.45
CA GLY A 200 -21.35 1.56 4.17
C GLY A 200 -21.87 1.02 2.86
N CYS A 201 -23.15 1.25 2.57
CA CYS A 201 -23.70 0.83 1.28
C CYS A 201 -23.06 1.62 0.15
N VAL A 202 -22.75 2.89 0.38
CA VAL A 202 -22.14 3.70 -0.66
C VAL A 202 -20.73 3.21 -0.97
N PHE A 203 -19.98 2.82 0.07
CA PHE A 203 -18.63 2.29 -0.13
C PHE A 203 -18.66 1.09 -1.08
N TYR A 204 -19.49 0.10 -0.76
CA TYR A 204 -19.60 -1.07 -1.64
C TYR A 204 -20.03 -0.68 -3.04
N TYR A 205 -20.96 0.29 -3.14
CA TYR A 205 -21.48 0.71 -4.44
C TYR A 205 -20.36 1.25 -5.33
N VAL A 206 -19.43 2.00 -4.75
CA VAL A 206 -18.32 2.55 -5.52
C VAL A 206 -17.31 1.46 -5.86
N ILE A 207 -16.91 0.66 -4.87
CA ILE A 207 -15.88 -0.36 -5.09
C ILE A 207 -16.38 -1.42 -6.07
N SER A 208 -17.64 -1.84 -5.93
CA SER A 208 -18.22 -2.87 -6.78
C SER A 208 -18.72 -2.32 -8.11
N GLU A 209 -18.64 -1.00 -8.32
CA GLU A 209 -19.09 -0.37 -9.56
C GLU A 209 -20.57 -0.66 -9.83
N GLY A 210 -21.41 -0.34 -8.84
CA GLY A 210 -22.86 -0.30 -9.00
C GLY A 210 -23.65 -1.37 -8.27
N SER A 211 -23.01 -2.36 -7.66
CA SER A 211 -23.75 -3.31 -6.83
C SER A 211 -24.08 -2.69 -5.47
N HIS A 212 -25.10 -3.26 -4.81
CA HIS A 212 -25.51 -2.87 -3.48
C HIS A 212 -25.39 -4.07 -2.55
N PRO A 213 -25.00 -3.89 -1.28
CA PRO A 213 -24.81 -5.07 -0.41
C PRO A 213 -26.07 -5.87 -0.18
N PHE A 214 -27.23 -5.22 -0.12
CA PHE A 214 -28.51 -5.85 0.16
C PHE A 214 -29.29 -6.22 -1.10
N GLY A 215 -28.69 -6.10 -2.28
CA GLY A 215 -29.26 -6.63 -3.50
C GLY A 215 -29.85 -5.56 -4.41
N LYS A 216 -30.64 -6.03 -5.37
CA LYS A 216 -31.22 -5.15 -6.38
C LYS A 216 -32.20 -4.17 -5.73
N SER A 217 -32.44 -3.07 -6.43
CA SER A 217 -33.12 -1.90 -5.85
C SER A 217 -34.41 -2.27 -5.13
N LEU A 218 -35.26 -3.08 -5.76
CA LEU A 218 -36.56 -3.37 -5.17
C LEU A 218 -36.48 -4.30 -3.97
N GLN A 219 -35.43 -5.14 -3.90
CA GLN A 219 -35.30 -6.10 -2.81
C GLN A 219 -34.42 -5.61 -1.67
N ARG A 220 -33.93 -4.37 -1.73
CA ARG A 220 -32.96 -3.90 -0.74
C ARG A 220 -33.60 -3.73 0.63
N GLN A 221 -34.71 -2.99 0.71
CA GLN A 221 -35.23 -2.57 2.00
C GLN A 221 -35.72 -3.77 2.81
N ALA A 222 -36.28 -4.78 2.15
CA ALA A 222 -36.72 -5.97 2.86
C ALA A 222 -35.53 -6.78 3.37
N ASN A 223 -34.47 -6.89 2.56
CA ASN A 223 -33.27 -7.60 3.00
C ASN A 223 -32.57 -6.87 4.14
N ILE A 224 -32.75 -5.55 4.23
CA ILE A 224 -32.11 -4.78 5.29
C ILE A 224 -32.72 -5.11 6.65
N LEU A 225 -34.02 -5.38 6.70
CA LEU A 225 -34.67 -5.61 7.99
C LEU A 225 -34.30 -6.96 8.58
N LEU A 226 -34.17 -7.99 7.75
CA LEU A 226 -33.73 -9.30 8.21
C LEU A 226 -32.22 -9.52 8.05
N GLY A 227 -31.49 -8.52 7.56
CA GLY A 227 -30.04 -8.56 7.60
C GLY A 227 -29.39 -9.51 6.62
N ALA A 228 -29.91 -9.59 5.39
CA ALA A 228 -29.32 -10.42 4.35
C ALA A 228 -28.51 -9.50 3.43
N CYS A 229 -27.19 -9.62 3.50
CA CYS A 229 -26.29 -8.82 2.69
C CYS A 229 -25.27 -9.73 2.02
N SER A 230 -24.83 -9.32 0.84
CA SER A 230 -23.84 -10.07 0.06
C SER A 230 -22.78 -9.11 -0.43
N LEU A 231 -21.56 -9.31 0.05
CA LEU A 231 -20.38 -8.55 -0.35
C LEU A 231 -19.58 -9.23 -1.47
N ASP A 232 -20.12 -10.30 -2.06
CA ASP A 232 -19.36 -11.25 -2.86
C ASP A 232 -18.61 -10.63 -4.04
N CYS A 233 -18.87 -9.37 -4.41
CA CYS A 233 -18.01 -8.71 -5.39
C CYS A 233 -16.58 -8.55 -4.88
N LEU A 234 -16.37 -8.69 -3.58
CA LEU A 234 -15.05 -8.63 -2.97
C LEU A 234 -14.46 -10.03 -2.88
N HIS A 235 -13.25 -10.19 -3.42
CA HIS A 235 -12.61 -11.51 -3.43
C HIS A 235 -12.11 -11.86 -2.04
N PRO A 236 -12.30 -13.11 -1.59
CA PRO A 236 -11.87 -13.46 -0.23
C PRO A 236 -10.36 -13.47 -0.02
N GLU A 237 -9.60 -13.88 -1.03
CA GLU A 237 -8.15 -13.99 -0.94
C GLU A 237 -7.38 -12.80 -1.53
N LYS A 238 -8.06 -11.73 -1.94
CA LYS A 238 -7.39 -10.56 -2.47
C LYS A 238 -7.24 -9.49 -1.38
N HIS A 239 -5.99 -9.08 -1.12
CA HIS A 239 -5.69 -8.21 0.02
C HIS A 239 -6.56 -6.94 0.01
N GLU A 240 -6.60 -6.24 -1.12
CA GLU A 240 -7.37 -4.99 -1.20
CA GLU A 240 -7.37 -4.99 -1.20
C GLU A 240 -8.84 -5.22 -0.86
N ASP A 241 -9.40 -6.33 -1.35
CA ASP A 241 -10.81 -6.62 -1.10
C ASP A 241 -11.07 -7.04 0.34
N VAL A 242 -10.09 -7.70 0.98
CA VAL A 242 -10.25 -8.14 2.36
C VAL A 242 -10.31 -6.94 3.30
N ILE A 243 -9.47 -5.95 3.06
CA ILE A 243 -9.49 -4.74 3.88
C ILE A 243 -10.83 -4.04 3.76
N ALA A 244 -11.32 -3.88 2.53
CA ALA A 244 -12.59 -3.21 2.31
C ALA A 244 -13.75 -3.97 2.95
N ARG A 245 -13.72 -5.30 2.86
CA ARG A 245 -14.80 -6.10 3.41
C ARG A 245 -14.87 -5.96 4.93
N GLU A 246 -13.72 -5.90 5.59
CA GLU A 246 -13.70 -5.76 7.04
C GLU A 246 -14.33 -4.44 7.48
N LEU A 247 -14.07 -3.36 6.74
CA LEU A 247 -14.64 -2.06 7.08
C LEU A 247 -16.13 -2.01 6.77
N ILE A 248 -16.51 -2.42 5.55
CA ILE A 248 -17.90 -2.29 5.09
C ILE A 248 -18.85 -3.07 5.99
N GLU A 249 -18.49 -4.32 6.33
CA GLU A 249 -19.39 -5.14 7.14
C GLU A 249 -19.60 -4.55 8.53
N LYS A 250 -18.63 -3.78 9.03
CA LYS A 250 -18.82 -3.12 10.31
C LYS A 250 -19.76 -1.92 10.18
N MET A 251 -19.69 -1.21 9.05
CA MET A 251 -20.48 0.00 8.87
C MET A 251 -21.95 -0.32 8.64
N ILE A 252 -22.24 -1.42 7.95
CA ILE A 252 -23.61 -1.82 7.63
C ILE A 252 -24.13 -2.80 8.69
N ALA A 253 -23.37 -2.98 9.76
CA ALA A 253 -23.78 -3.90 10.82
C ALA A 253 -25.18 -3.60 11.32
N MET A 254 -25.92 -4.68 11.66
CA MET A 254 -27.28 -4.53 12.15
C MET A 254 -27.32 -3.76 13.47
N ASP A 255 -26.44 -4.09 14.39
CA ASP A 255 -26.40 -3.39 15.67
C ASP A 255 -25.80 -2.00 15.49
N PRO A 256 -26.56 -0.92 15.69
CA PRO A 256 -26.00 0.42 15.44
C PRO A 256 -24.75 0.74 16.26
N GLN A 257 -24.61 0.12 17.44
CA GLN A 257 -23.46 0.42 18.28
C GLN A 257 -22.18 -0.22 17.77
N LYS A 258 -22.28 -1.25 16.92
CA LYS A 258 -21.11 -1.85 16.31
C LYS A 258 -20.58 -1.06 15.13
N ARG A 259 -21.29 -0.02 14.69
CA ARG A 259 -20.85 0.77 13.54
C ARG A 259 -19.86 1.83 13.98
N PRO A 260 -18.71 1.96 13.32
CA PRO A 260 -17.73 2.98 13.73
C PRO A 260 -18.15 4.37 13.29
N SER A 261 -17.69 5.35 14.06
CA SER A 261 -17.92 6.75 13.69
C SER A 261 -17.10 7.10 12.45
N ALA A 262 -17.52 8.18 11.79
CA ALA A 262 -16.83 8.61 10.56
C ALA A 262 -15.35 8.83 10.80
N LYS A 263 -14.97 9.34 11.98
CA LYS A 263 -13.56 9.53 12.29
C LYS A 263 -12.83 8.21 12.45
N HIS A 264 -13.51 7.18 12.96
CA HIS A 264 -12.93 5.84 12.98
C HIS A 264 -12.74 5.31 11.56
N VAL A 265 -13.73 5.55 10.69
CA VAL A 265 -13.66 5.05 9.32
C VAL A 265 -12.45 5.64 8.61
N LEU A 266 -12.14 6.92 8.87
CA LEU A 266 -11.04 7.58 8.20
C LEU A 266 -9.69 6.99 8.58
N LYS A 267 -9.60 6.29 9.71
CA LYS A 267 -8.37 5.67 10.17
C LYS A 267 -8.19 4.25 9.66
N HIS A 268 -9.19 3.67 9.00
CA HIS A 268 -9.12 2.28 8.61
C HIS A 268 -8.04 2.09 7.54
N PRO A 269 -7.36 0.93 7.53
CA PRO A 269 -6.33 0.69 6.50
C PRO A 269 -6.85 0.78 5.08
N PHE A 270 -8.16 0.76 4.87
CA PHE A 270 -8.73 0.94 3.55
C PHE A 270 -8.16 2.17 2.85
N PHE A 271 -7.85 3.22 3.61
CA PHE A 271 -7.37 4.49 3.06
C PHE A 271 -5.85 4.63 3.10
N TRP A 272 -5.09 3.66 3.61
CA TRP A 272 -3.65 3.83 3.77
C TRP A 272 -2.92 3.66 2.45
N SER A 273 -1.87 4.47 2.26
CA SER A 273 -0.96 4.27 1.16
C SER A 273 -0.09 3.03 1.41
N LEU A 274 0.48 2.49 0.32
CA LEU A 274 1.36 1.34 0.45
C LEU A 274 2.46 1.60 1.46
N GLU A 275 3.05 2.80 1.44
CA GLU A 275 4.08 3.16 2.41
C GLU A 275 3.55 3.10 3.84
N LYS A 276 2.32 3.57 4.06
CA LYS A 276 1.76 3.56 5.41
C LYS A 276 1.46 2.15 5.89
N GLN A 277 1.08 1.24 4.98
CA GLN A 277 0.85 -0.15 5.37
C GLN A 277 2.14 -0.79 5.84
N LEU A 278 3.23 -0.60 5.09
CA LEU A 278 4.50 -1.20 5.48
C LEU A 278 5.03 -0.60 6.76
N GLN A 279 4.78 0.69 7.01
CA GLN A 279 5.21 1.31 8.26
C GLN A 279 4.41 0.79 9.44
N PHE A 280 3.15 0.38 9.20
CA PHE A 280 2.36 -0.22 10.27
C PHE A 280 2.96 -1.55 10.71
N PHE A 281 3.30 -2.41 9.74
CA PHE A 281 3.96 -3.67 10.06
C PHE A 281 5.23 -3.43 10.86
N GLN A 282 6.01 -2.41 10.48
CA GLN A 282 7.23 -2.11 11.21
C GLN A 282 6.92 -1.64 12.63
N ASP A 283 6.01 -0.69 12.78
CA ASP A 283 5.66 -0.19 14.11
C ASP A 283 5.11 -1.32 14.98
N VAL A 284 4.38 -2.25 14.38
CA VAL A 284 3.88 -3.40 15.13
C VAL A 284 5.04 -4.30 15.55
N SER A 285 5.95 -4.58 14.61
CA SER A 285 7.07 -5.48 14.90
C SER A 285 7.94 -4.94 16.02
N ASP A 286 8.25 -3.64 15.98
CA ASP A 286 9.04 -3.04 17.06
C ASP A 286 8.27 -3.04 18.37
N ARG A 287 6.94 -3.07 18.32
CA ARG A 287 6.14 -3.00 19.54
C ARG A 287 6.07 -4.34 20.25
N ILE A 288 5.89 -5.44 19.50
CA ILE A 288 5.77 -6.77 20.10
C ILE A 288 7.10 -7.47 20.25
N GLU A 289 8.22 -6.81 19.93
CA GLU A 289 9.53 -7.45 20.02
C GLU A 289 9.80 -7.99 21.43
N LYS A 290 9.49 -7.20 22.46
CA LYS A 290 9.78 -7.56 23.84
C LYS A 290 8.62 -8.22 24.56
N GLU A 291 7.50 -8.45 23.89
CA GLU A 291 6.31 -8.96 24.57
C GLU A 291 6.51 -10.39 25.05
N SER A 292 5.68 -10.77 26.04
CA SER A 292 5.87 -12.01 26.78
C SER A 292 5.67 -13.26 25.93
N LEU A 293 4.90 -13.16 24.84
CA LEU A 293 4.59 -14.25 23.92
C LEU A 293 3.58 -15.22 24.52
N ASP A 294 3.41 -15.19 25.85
CA ASP A 294 2.19 -15.66 26.50
C ASP A 294 1.21 -14.52 26.77
N GLY A 295 1.64 -13.27 26.58
CA GLY A 295 0.84 -12.12 26.92
C GLY A 295 -0.36 -11.96 26.01
N PRO A 296 -1.33 -11.15 26.42
CA PRO A 296 -2.54 -10.98 25.61
C PRO A 296 -2.27 -10.39 24.24
N ILE A 297 -1.28 -9.52 24.11
CA ILE A 297 -0.91 -8.94 22.82
C ILE A 297 -0.55 -10.06 21.84
N VAL A 298 0.56 -10.74 22.11
CA VAL A 298 1.03 -11.76 21.17
C VAL A 298 0.03 -12.91 21.08
N LYS A 299 -0.61 -13.25 22.21
CA LYS A 299 -1.66 -14.28 22.16
C LYS A 299 -2.79 -13.85 21.22
N GLN A 300 -3.17 -12.58 21.28
CA GLN A 300 -4.21 -12.07 20.37
C GLN A 300 -3.73 -12.11 18.92
N LEU A 301 -2.51 -11.66 18.67
CA LEU A 301 -1.98 -11.66 17.31
C LEU A 301 -1.80 -13.09 16.79
N GLU A 302 -1.31 -13.99 17.63
CA GLU A 302 -1.13 -15.37 17.22
C GLU A 302 -2.44 -16.15 17.19
N ARG A 303 -3.54 -15.57 17.67
CA ARG A 303 -4.80 -16.28 17.70
C ARG A 303 -5.28 -16.63 16.29
N GLY A 304 -5.15 -15.70 15.35
CA GLY A 304 -5.43 -16.03 13.96
C GLY A 304 -4.54 -17.16 13.45
N GLY A 305 -3.25 -17.09 13.77
CA GLY A 305 -2.40 -18.26 13.67
C GLY A 305 -2.17 -18.71 12.25
N ARG A 306 -2.33 -20.02 12.04
CA ARG A 306 -1.82 -20.67 10.84
C ARG A 306 -2.57 -20.23 9.58
N ALA A 307 -3.86 -19.92 9.70
CA ALA A 307 -4.63 -19.56 8.51
C ALA A 307 -4.07 -18.31 7.85
N VAL A 308 -3.71 -17.30 8.65
CA VAL A 308 -3.17 -16.06 8.09
C VAL A 308 -1.86 -16.33 7.36
N VAL A 309 -0.98 -17.13 7.97
CA VAL A 309 0.32 -17.44 7.38
C VAL A 309 0.26 -18.67 6.49
N LYS A 310 -0.92 -19.25 6.26
CA LYS A 310 -1.08 -20.48 5.49
C LYS A 310 -0.30 -21.63 6.11
N MET A 311 -0.15 -21.55 7.44
CA MET A 311 0.33 -22.61 8.33
C MET A 311 1.84 -22.81 8.23
N ASP A 312 2.46 -22.36 7.14
CA ASP A 312 3.90 -22.08 7.12
C ASP A 312 4.08 -20.87 6.22
N TRP A 313 4.72 -19.81 6.72
CA TRP A 313 4.97 -18.66 5.85
C TRP A 313 6.30 -18.77 5.12
N ARG A 314 7.15 -19.73 5.50
CA ARG A 314 8.39 -19.96 4.77
C ARG A 314 8.16 -20.66 3.44
N GLU A 315 7.04 -21.36 3.28
CA GLU A 315 6.71 -22.03 2.03
C GLU A 315 5.94 -21.14 1.05
N ASN A 316 5.43 -20.00 1.49
CA ASN A 316 4.66 -19.09 0.64
C ASN A 316 5.49 -17.94 0.08
N ILE A 317 6.79 -17.92 0.32
CA ILE A 317 7.68 -16.88 -0.19
C ILE A 317 8.63 -17.50 -1.20
N THR A 318 9.15 -16.65 -2.09
CA THR A 318 9.94 -17.13 -3.21
C THR A 318 11.32 -17.61 -2.76
N VAL A 319 11.97 -18.37 -3.65
CA VAL A 319 13.17 -19.12 -3.26
C VAL A 319 14.29 -18.22 -2.76
N PRO A 320 14.67 -17.14 -3.45
CA PRO A 320 15.75 -16.29 -2.92
C PRO A 320 15.51 -15.81 -1.50
N LEU A 321 14.29 -15.42 -1.15
CA LEU A 321 14.01 -15.05 0.23
C LEU A 321 14.11 -16.24 1.15
N GLN A 322 13.52 -17.39 0.75
CA GLN A 322 13.62 -18.61 1.54
C GLN A 322 15.07 -18.95 1.83
N THR A 323 15.92 -18.94 0.81
CA THR A 323 17.33 -19.29 0.97
C THR A 323 18.01 -18.36 1.96
N ASP A 324 17.66 -17.08 1.94
CA ASP A 324 18.38 -16.10 2.75
C ASP A 324 18.09 -16.25 4.23
N LEU A 325 16.83 -16.49 4.60
CA LEU A 325 16.44 -16.59 5.99
C LEU A 325 16.44 -18.02 6.51
N ARG A 326 16.81 -19.00 5.69
CA ARG A 326 16.97 -20.36 6.20
C ARG A 326 18.12 -20.43 7.19
N LYS A 327 19.20 -19.68 6.95
CA LYS A 327 20.33 -19.66 7.86
C LYS A 327 19.96 -19.05 9.20
N PHE A 328 19.08 -18.05 9.20
CA PHE A 328 18.69 -17.38 10.44
C PHE A 328 17.98 -18.35 11.37
N ARG A 329 18.41 -18.35 12.63
CA ARG A 329 17.82 -19.20 13.65
C ARG A 329 16.43 -18.70 14.02
N THR A 330 15.66 -19.59 14.65
CA THR A 330 14.30 -19.30 15.11
C THR A 330 13.46 -19.00 13.85
N TYR A 331 12.72 -17.89 13.80
CA TYR A 331 11.81 -17.61 12.69
C TYR A 331 10.84 -18.77 12.48
N LYS A 332 10.11 -19.08 13.54
CA LYS A 332 9.06 -20.09 13.48
C LYS A 332 8.09 -19.80 12.34
N GLY A 333 7.82 -20.81 11.52
CA GLY A 333 7.03 -20.64 10.32
C GLY A 333 5.55 -20.46 10.56
N GLY A 334 5.06 -20.79 11.76
CA GLY A 334 3.65 -20.66 12.07
C GLY A 334 3.28 -19.43 12.89
N SER A 335 4.25 -18.56 13.18
CA SER A 335 4.03 -17.37 13.98
C SER A 335 3.80 -16.15 13.08
N VAL A 336 2.71 -15.43 13.33
CA VAL A 336 2.51 -14.14 12.67
C VAL A 336 3.58 -13.15 13.11
N ARG A 337 3.92 -13.17 14.40
CA ARG A 337 4.94 -12.26 14.92
C ARG A 337 6.28 -12.47 14.23
N ASP A 338 6.63 -13.72 13.94
CA ASP A 338 7.90 -14.00 13.27
C ASP A 338 7.88 -13.50 11.82
N LEU A 339 6.76 -13.69 11.12
CA LEU A 339 6.63 -13.16 9.77
C LEU A 339 6.80 -11.64 9.78
N LEU A 340 6.11 -10.96 10.67
CA LEU A 340 6.29 -9.52 10.82
C LEU A 340 7.72 -9.20 11.24
N ARG A 341 8.35 -10.08 12.01
CA ARG A 341 9.73 -9.86 12.41
C ARG A 341 10.68 -9.98 11.21
N ALA A 342 10.42 -10.96 10.33
CA ALA A 342 11.24 -11.11 9.13
C ALA A 342 11.09 -9.90 8.21
N MET A 343 9.86 -9.44 7.99
CA MET A 343 9.63 -8.26 7.15
C MET A 343 10.34 -7.05 7.73
N ARG A 344 10.21 -6.84 9.04
CA ARG A 344 10.91 -5.73 9.70
C ARG A 344 12.42 -5.80 9.46
N ASN A 345 12.98 -7.01 9.56
CA ASN A 345 14.43 -7.15 9.43
C ASN A 345 14.90 -6.96 8.00
N LYS A 346 14.18 -7.51 7.03
CA LYS A 346 14.54 -7.31 5.63
C LYS A 346 14.31 -5.87 5.19
N LYS A 347 13.40 -5.16 5.84
CA LYS A 347 13.22 -3.74 5.54
C LYS A 347 14.39 -2.92 6.09
N HIS A 348 14.92 -3.31 7.26
CA HIS A 348 16.01 -2.56 7.87
C HIS A 348 17.32 -2.78 7.13
N HIS A 349 17.61 -4.02 6.76
CA HIS A 349 18.85 -4.39 6.07
C HIS A 349 18.71 -4.29 4.55
N TYR A 350 17.59 -3.76 4.07
CA TYR A 350 17.27 -3.79 2.65
C TYR A 350 18.44 -3.36 1.78
N ARG A 351 19.13 -2.29 2.17
CA ARG A 351 20.24 -1.80 1.35
C ARG A 351 21.39 -2.81 1.30
N GLU A 352 21.63 -3.53 2.39
CA GLU A 352 22.78 -4.42 2.53
C GLU A 352 22.47 -5.87 2.16
N LEU A 353 21.26 -6.17 1.70
CA LEU A 353 20.92 -7.54 1.37
C LEU A 353 21.60 -7.97 0.07
N PRO A 354 21.70 -9.29 -0.18
CA PRO A 354 22.21 -9.74 -1.48
C PRO A 354 21.35 -9.24 -2.63
N ALA A 355 21.96 -9.20 -3.82
CA ALA A 355 21.27 -8.65 -4.98
C ALA A 355 20.05 -9.48 -5.33
N GLU A 356 20.18 -10.81 -5.32
CA GLU A 356 19.04 -11.67 -5.66
C GLU A 356 17.89 -11.53 -4.67
N VAL A 357 18.18 -11.11 -3.44
CA VAL A 357 17.13 -10.89 -2.45
C VAL A 357 16.40 -9.58 -2.75
N ARG A 358 17.15 -8.51 -3.04
CA ARG A 358 16.51 -7.24 -3.36
C ARG A 358 15.68 -7.33 -4.63
N GLU A 359 16.06 -8.21 -5.56
CA GLU A 359 15.27 -8.37 -6.78
C GLU A 359 13.89 -8.93 -6.47
N THR A 360 13.81 -9.90 -5.56
CA THR A 360 12.51 -10.47 -5.20
C THR A 360 11.62 -9.43 -4.53
N LEU A 361 12.21 -8.54 -3.73
CA LEU A 361 11.43 -7.51 -3.06
C LEU A 361 11.42 -6.20 -3.85
N GLY A 362 12.52 -5.45 -3.79
CA GLY A 362 12.73 -4.32 -4.69
C GLY A 362 11.77 -3.15 -4.45
N SER A 363 12.04 -2.03 -5.12
CA SER A 363 11.09 -0.92 -5.27
C SER A 363 10.42 -0.58 -3.94
N LEU A 364 11.19 -0.63 -2.87
CA LEU A 364 10.68 -0.34 -1.53
C LEU A 364 10.07 1.07 -1.48
N PRO A 365 9.06 1.28 -0.62
CA PRO A 365 8.23 0.31 0.10
C PRO A 365 7.17 -0.40 -0.76
N ASP A 366 6.81 0.18 -1.91
CA ASP A 366 5.62 -0.26 -2.63
C ASP A 366 5.68 -1.74 -2.98
N ASP A 367 6.71 -2.15 -3.73
CA ASP A 367 6.79 -3.53 -4.17
C ASP A 367 7.15 -4.47 -3.02
N PHE A 368 7.89 -3.97 -2.04
CA PHE A 368 8.21 -4.76 -0.86
C PHE A 368 6.94 -5.15 -0.11
N VAL A 369 6.05 -4.19 0.15
CA VAL A 369 4.86 -4.50 0.93
C VAL A 369 3.85 -5.30 0.10
N CYS A 370 3.77 -5.05 -1.21
CA CYS A 370 2.88 -5.84 -2.07
C CYS A 370 3.36 -7.28 -2.16
N TYR A 371 4.66 -7.51 -2.03
CA TYR A 371 5.20 -8.86 -2.04
C TYR A 371 4.53 -9.73 -0.97
N PHE A 372 4.45 -9.20 0.26
CA PHE A 372 3.87 -9.97 1.36
C PHE A 372 2.34 -9.90 1.37
N THR A 373 1.75 -8.73 1.10
CA THR A 373 0.30 -8.62 1.14
C THR A 373 -0.35 -9.42 0.02
N SER A 374 0.35 -9.61 -1.09
CA SER A 374 -0.22 -10.41 -2.17
C SER A 374 -0.21 -11.90 -1.82
N ARG A 375 0.83 -12.36 -1.12
CA ARG A 375 0.95 -13.75 -0.70
C ARG A 375 0.28 -14.03 0.65
N PHE A 376 -0.12 -13.00 1.38
CA PHE A 376 -0.79 -13.16 2.68
C PHE A 376 -1.89 -12.11 2.76
N PRO A 377 -3.02 -12.34 2.09
CA PRO A 377 -4.03 -11.29 1.96
C PRO A 377 -4.72 -10.92 3.27
N HIS A 378 -4.66 -11.78 4.28
CA HIS A 378 -5.28 -11.51 5.58
C HIS A 378 -4.31 -10.96 6.60
N LEU A 379 -3.03 -10.76 6.23
CA LEU A 379 -2.03 -10.38 7.22
C LEU A 379 -2.34 -9.02 7.83
N LEU A 380 -2.56 -8.01 6.98
CA LEU A 380 -2.81 -6.66 7.50
C LEU A 380 -4.14 -6.58 8.24
N ALA A 381 -5.19 -7.18 7.68
CA ALA A 381 -6.50 -7.14 8.33
C ALA A 381 -6.43 -7.81 9.70
N HIS A 382 -5.85 -9.01 9.77
CA HIS A 382 -5.71 -9.71 11.05
C HIS A 382 -4.88 -8.89 12.04
N THR A 383 -3.74 -8.37 11.57
CA THR A 383 -2.87 -7.59 12.47
C THR A 383 -3.57 -6.34 12.96
N TYR A 384 -4.39 -5.71 12.11
CA TYR A 384 -5.05 -4.47 12.49
C TYR A 384 -6.09 -4.70 13.58
N ARG A 385 -6.86 -5.79 13.49
CA ARG A 385 -7.83 -6.09 14.53
C ARG A 385 -7.14 -6.50 15.82
N ALA A 386 -6.06 -7.27 15.72
CA ALA A 386 -5.40 -7.77 16.92
C ALA A 386 -4.73 -6.63 17.69
N MET A 387 -4.16 -5.66 16.97
CA MET A 387 -3.38 -4.61 17.60
C MET A 387 -4.23 -3.45 18.12
N GLU A 388 -5.56 -3.55 18.00
CA GLU A 388 -6.43 -2.55 18.60
C GLU A 388 -6.20 -2.39 20.10
N LEU A 389 -5.62 -3.39 20.76
CA LEU A 389 -5.34 -3.27 22.19
C LEU A 389 -4.37 -2.14 22.48
N CYS A 390 -3.50 -1.82 21.52
CA CYS A 390 -2.58 -0.71 21.62
C CYS A 390 -3.13 0.58 21.04
N SER A 391 -4.40 0.59 20.62
CA SER A 391 -4.99 1.76 19.97
C SER A 391 -4.77 3.03 20.79
N HIS A 392 -4.78 2.92 22.13
CA HIS A 392 -4.56 4.08 22.98
C HIS A 392 -3.12 4.58 22.95
N GLU A 393 -2.17 3.73 22.55
CA GLU A 393 -0.76 4.08 22.67
C GLU A 393 -0.34 5.09 21.62
N ARG A 394 0.62 5.94 22.00
CA ARG A 394 1.00 7.08 21.17
C ARG A 394 1.54 6.65 19.81
N LEU A 395 2.20 5.50 19.75
CA LEU A 395 2.83 5.09 18.50
C LEU A 395 1.81 4.73 17.43
N PHE A 396 0.64 4.24 17.83
CA PHE A 396 -0.39 3.79 16.91
C PHE A 396 -1.46 4.85 16.63
N GLN A 397 -1.31 6.07 17.13
CA GLN A 397 -2.27 7.13 16.84
C GLN A 397 -2.46 7.39 15.36
N PRO A 398 -1.45 7.29 14.50
CA PRO A 398 -1.71 7.41 13.06
C PRO A 398 -2.64 6.33 12.51
N TYR A 399 -2.63 5.13 13.09
CA TYR A 399 -3.40 3.99 12.61
C TYR A 399 -4.76 3.82 13.28
N TYR A 400 -5.05 4.55 14.35
CA TYR A 400 -6.32 4.41 15.06
C TYR A 400 -6.77 5.78 15.55
N PHE A 401 -8.05 5.88 15.91
CA PHE A 401 -8.63 7.08 16.49
C PHE A 401 -8.97 6.80 17.95
N HIS A 402 -8.42 7.61 18.85
CA HIS A 402 -8.67 7.45 20.28
C HIS A 402 -8.84 8.82 20.92
N GLU A 403 -9.92 8.98 21.67
CA GLU A 403 -10.19 10.22 22.40
C GLU A 403 -10.18 11.42 21.48
N VAL B 2 -27.15 53.70 10.60
CA VAL B 2 -27.06 52.33 10.08
C VAL B 2 -27.42 52.29 8.60
N VAL B 3 -26.41 52.20 7.75
CA VAL B 3 -26.61 52.15 6.31
C VAL B 3 -27.07 50.75 5.91
N ILE B 4 -28.04 50.69 5.01
CA ILE B 4 -28.50 49.43 4.43
C ILE B 4 -28.55 49.61 2.92
N VAL B 5 -27.75 48.84 2.21
CA VAL B 5 -27.68 48.94 0.75
C VAL B 5 -28.45 47.77 0.15
N GLY B 6 -27.83 46.60 0.16
CA GLY B 6 -28.39 45.31 -0.19
C GLY B 6 -28.70 44.49 1.04
N LYS B 7 -28.52 43.18 0.92
CA LYS B 7 -28.38 42.36 2.12
C LYS B 7 -27.22 42.80 3.00
N ILE B 8 -26.33 43.66 2.48
CA ILE B 8 -25.22 44.21 3.26
C ILE B 8 -25.72 45.40 4.06
N SER B 9 -25.26 45.48 5.31
CA SER B 9 -25.54 46.61 6.19
C SER B 9 -24.30 46.87 7.04
N PHE B 10 -24.07 48.14 7.37
CA PHE B 10 -22.91 48.51 8.16
C PHE B 10 -23.19 49.81 8.88
N CYS B 11 -22.40 50.05 9.94
CA CYS B 11 -22.49 51.27 10.72
C CYS B 11 -21.27 52.13 10.42
N PRO B 12 -21.43 53.37 9.94
CA PRO B 12 -20.24 54.21 9.69
C PRO B 12 -19.51 54.61 10.97
N LYS B 13 -20.16 54.51 12.13
CA LYS B 13 -19.52 54.92 13.37
C LYS B 13 -18.37 54.00 13.76
N ASP B 14 -18.47 52.71 13.44
CA ASP B 14 -17.41 51.75 13.72
C ASP B 14 -16.53 51.64 12.47
N VAL B 15 -15.30 52.13 12.59
CA VAL B 15 -14.33 52.09 11.49
C VAL B 15 -13.40 50.91 11.73
N LEU B 16 -13.03 50.23 10.64
CA LEU B 16 -12.15 49.07 10.70
C LEU B 16 -10.79 49.35 10.10
N GLY B 17 -10.73 49.65 8.81
CA GLY B 17 -9.45 49.88 8.17
C GLY B 17 -9.60 50.51 6.82
N HIS B 18 -8.49 50.49 6.06
CA HIS B 18 -8.43 51.09 4.74
C HIS B 18 -7.70 50.16 3.78
N GLY B 19 -8.24 50.05 2.57
CA GLY B 19 -7.61 49.30 1.50
C GLY B 19 -6.97 50.22 0.46
N ALA B 20 -6.32 49.58 -0.51
CA ALA B 20 -5.68 50.32 -1.59
C ALA B 20 -6.72 50.95 -2.52
N GLU B 21 -6.27 51.95 -3.27
CA GLU B 21 -7.13 52.67 -4.22
C GLU B 21 -8.22 53.45 -3.49
N GLY B 22 -7.87 54.03 -2.34
CA GLY B 22 -8.81 54.88 -1.62
C GLY B 22 -10.04 54.16 -1.13
N THR B 23 -9.87 52.94 -0.65
CA THR B 23 -10.97 52.09 -0.20
C THR B 23 -11.11 52.19 1.33
N ILE B 24 -12.34 52.34 1.80
CA ILE B 24 -12.66 52.45 3.21
C ILE B 24 -13.41 51.19 3.64
N VAL B 25 -13.10 50.69 4.83
CA VAL B 25 -13.67 49.44 5.34
C VAL B 25 -14.32 49.70 6.68
N TYR B 26 -15.61 49.35 6.80
CA TYR B 26 -16.36 49.49 8.04
C TYR B 26 -16.76 48.12 8.57
N ARG B 27 -17.40 48.13 9.74
CA ARG B 27 -17.91 46.94 10.39
C ARG B 27 -19.39 46.78 10.03
N GLY B 28 -19.76 45.59 9.59
CA GLY B 28 -21.09 45.40 9.06
C GLY B 28 -21.55 43.96 9.12
N MET B 29 -22.70 43.69 8.50
CA MET B 29 -23.30 42.37 8.52
C MET B 29 -23.88 42.02 7.16
N PHE B 30 -23.79 40.74 6.80
CA PHE B 30 -24.41 40.20 5.60
C PHE B 30 -24.92 38.80 5.90
N ASP B 31 -26.18 38.53 5.55
CA ASP B 31 -26.77 37.21 5.74
C ASP B 31 -26.58 36.72 7.18
N ASN B 32 -26.72 37.65 8.13
CA ASN B 32 -26.60 37.35 9.56
C ASN B 32 -25.18 36.90 9.93
N ARG B 33 -24.20 37.31 9.13
CA ARG B 33 -22.79 37.11 9.46
C ARG B 33 -22.17 38.44 9.87
N ASP B 34 -21.23 38.37 10.81
CA ASP B 34 -20.37 39.51 11.08
C ASP B 34 -19.26 39.53 10.04
N VAL B 35 -19.18 40.61 9.26
CA VAL B 35 -18.27 40.69 8.14
C VAL B 35 -17.65 42.09 8.10
N ALA B 36 -16.52 42.19 7.43
CA ALA B 36 -15.92 43.47 7.08
C ALA B 36 -16.55 43.94 5.77
N VAL B 37 -16.97 45.21 5.74
CA VAL B 37 -17.61 45.80 4.58
C VAL B 37 -16.62 46.78 3.95
N LYS B 38 -16.35 46.59 2.66
CA LYS B 38 -15.32 47.31 1.93
C LYS B 38 -15.99 48.21 0.90
N ARG B 39 -15.91 49.53 1.11
CA ARG B 39 -16.52 50.51 0.22
C ARG B 39 -15.48 50.98 -0.79
N ILE B 40 -15.66 50.63 -2.06
CA ILE B 40 -14.72 51.00 -3.12
C ILE B 40 -15.26 52.24 -3.85
N LEU B 41 -14.55 52.67 -4.87
CA LEU B 41 -14.85 53.87 -5.63
C LEU B 41 -15.06 53.53 -7.10
N PRO B 42 -15.74 54.41 -7.87
CA PRO B 42 -16.03 54.11 -9.28
C PRO B 42 -14.78 53.81 -10.10
N GLU B 43 -13.63 54.30 -9.65
CA GLU B 43 -12.40 54.06 -10.37
C GLU B 43 -12.04 52.58 -10.36
N CYS B 44 -12.29 51.90 -9.25
CA CYS B 44 -11.91 50.50 -9.08
C CYS B 44 -13.04 49.51 -9.40
N PHE B 45 -14.20 49.99 -9.85
CA PHE B 45 -15.27 49.07 -10.22
C PHE B 45 -14.79 47.98 -11.17
N SER B 46 -13.98 48.36 -12.16
CA SER B 46 -13.54 47.40 -13.17
C SER B 46 -12.59 46.36 -12.57
N PHE B 47 -11.55 46.82 -11.89
CA PHE B 47 -10.57 45.89 -11.33
C PHE B 47 -11.19 45.03 -10.22
N ALA B 48 -12.13 45.58 -9.47
CA ALA B 48 -12.78 44.79 -8.42
C ALA B 48 -13.57 43.64 -9.01
N ASP B 49 -14.35 43.92 -10.07
CA ASP B 49 -15.19 42.89 -10.67
C ASP B 49 -14.34 41.80 -11.33
N ARG B 50 -13.28 42.19 -12.03
CA ARG B 50 -12.45 41.20 -12.72
C ARG B 50 -11.85 40.20 -11.73
N GLU B 51 -11.32 40.69 -10.61
CA GLU B 51 -10.67 39.80 -9.65
C GLU B 51 -11.68 38.96 -8.89
N VAL B 52 -12.88 39.48 -8.66
CA VAL B 52 -13.94 38.66 -8.09
C VAL B 52 -14.20 37.45 -8.98
N GLN B 53 -14.22 37.67 -10.30
CA GLN B 53 -14.59 36.59 -11.22
C GLN B 53 -13.51 35.53 -11.28
N LEU B 54 -12.24 35.93 -11.39
CA LEU B 54 -11.14 34.97 -11.46
C LEU B 54 -11.07 34.12 -10.20
N LEU B 55 -11.20 34.76 -9.03
CA LEU B 55 -11.13 34.02 -7.77
C LEU B 55 -12.31 33.06 -7.61
N ARG B 56 -13.46 33.40 -8.19
CA ARG B 56 -14.66 32.58 -7.99
C ARG B 56 -14.53 31.20 -8.62
N GLU B 57 -13.89 31.12 -9.79
CA GLU B 57 -13.83 29.86 -10.52
C GLU B 57 -13.22 28.75 -9.67
N SER B 58 -12.08 29.03 -9.04
CA SER B 58 -11.47 28.06 -8.15
C SER B 58 -12.14 28.07 -6.78
N ASP B 59 -12.03 26.95 -6.08
CA ASP B 59 -12.58 26.84 -4.74
C ASP B 59 -11.81 27.75 -3.78
N GLU B 60 -12.46 28.09 -2.66
CA GLU B 60 -11.87 29.00 -1.69
C GLU B 60 -10.65 28.37 -1.03
N HIS B 61 -9.57 29.18 -0.89
CA HIS B 61 -8.37 28.77 -0.19
C HIS B 61 -8.45 29.14 1.29
N PRO B 62 -7.97 28.29 2.20
CA PRO B 62 -8.09 28.62 3.63
C PRO B 62 -7.34 29.88 4.02
N ASN B 63 -6.23 30.16 3.35
CA ASN B 63 -5.34 31.27 3.65
C ASN B 63 -5.61 32.52 2.82
N VAL B 64 -6.69 32.54 2.04
CA VAL B 64 -7.16 33.77 1.38
C VAL B 64 -8.48 34.18 2.03
N ILE B 65 -8.64 35.50 2.22
CA ILE B 65 -9.83 36.02 2.87
C ILE B 65 -11.07 35.66 2.05
N ARG B 66 -12.16 35.35 2.75
CA ARG B 66 -13.40 34.96 2.09
C ARG B 66 -14.14 36.16 1.55
N TYR B 67 -14.71 35.99 0.36
CA TYR B 67 -15.55 37.01 -0.28
C TYR B 67 -16.99 36.52 -0.28
N PHE B 68 -17.88 37.33 0.30
CA PHE B 68 -19.28 36.94 0.47
C PHE B 68 -20.17 37.56 -0.61
N CYS B 69 -20.30 38.89 -0.62
CA CYS B 69 -21.29 39.53 -1.49
C CYS B 69 -20.78 40.89 -1.93
N THR B 70 -21.39 41.39 -3.01
CA THR B 70 -21.15 42.74 -3.52
C THR B 70 -22.50 43.42 -3.72
N GLU B 71 -22.61 44.66 -3.26
CA GLU B 71 -23.83 45.44 -3.43
C GLU B 71 -23.48 46.82 -3.98
N LYS B 72 -24.51 47.50 -4.47
CA LYS B 72 -24.37 48.74 -5.22
C LYS B 72 -25.38 49.77 -4.73
N ASP B 73 -24.94 51.03 -4.68
CA ASP B 73 -25.84 52.18 -4.70
C ASP B 73 -25.38 53.09 -5.83
N ARG B 74 -26.02 54.24 -5.98
CA ARG B 74 -25.72 55.10 -7.13
C ARG B 74 -24.30 55.64 -7.05
N GLN B 75 -23.84 56.02 -5.85
CA GLN B 75 -22.50 56.59 -5.71
C GLN B 75 -21.40 55.53 -5.66
N PHE B 76 -21.61 54.44 -4.91
CA PHE B 76 -20.51 53.57 -4.52
C PHE B 76 -20.85 52.11 -4.81
N GLN B 77 -19.90 51.24 -4.42
CA GLN B 77 -20.02 49.79 -4.54
C GLN B 77 -19.41 49.19 -3.28
N TYR B 78 -20.13 48.25 -2.67
CA TYR B 78 -19.74 47.67 -1.38
C TYR B 78 -19.46 46.19 -1.53
N ILE B 79 -18.46 45.70 -0.80
CA ILE B 79 -18.02 44.30 -0.87
C ILE B 79 -17.86 43.78 0.55
N ALA B 80 -18.60 42.72 0.88
CA ALA B 80 -18.54 42.11 2.18
C ALA B 80 -17.52 40.97 2.16
N ILE B 81 -16.65 40.93 3.16
CA ILE B 81 -15.56 39.95 3.23
C ILE B 81 -15.39 39.50 4.68
N GLU B 82 -14.62 38.42 4.84
CA GLU B 82 -14.42 37.82 6.16
C GLU B 82 -13.85 38.82 7.15
N LEU B 83 -14.43 38.81 8.36
CA LEU B 83 -13.99 39.66 9.45
C LEU B 83 -12.86 38.98 10.21
N CYS B 84 -11.80 39.72 10.51
CA CYS B 84 -10.59 39.18 11.10
C CYS B 84 -10.29 39.87 12.43
N ALA B 85 -9.46 39.19 13.23
CA ALA B 85 -9.16 39.66 14.58
C ALA B 85 -8.10 40.76 14.59
N ALA B 86 -7.07 40.62 13.77
CA ALA B 86 -5.94 41.54 13.81
C ALA B 86 -5.15 41.38 12.51
N THR B 87 -4.09 42.19 12.39
CA THR B 87 -3.17 42.11 11.26
C THR B 87 -1.89 41.39 11.69
N LEU B 88 -0.99 41.18 10.72
CA LEU B 88 0.29 40.56 11.05
C LEU B 88 1.20 41.55 11.77
N GLN B 89 1.02 42.84 11.51
CA GLN B 89 1.79 43.85 12.24
C GLN B 89 1.54 43.75 13.74
N GLU B 90 0.27 43.70 14.13
CA GLU B 90 -0.06 43.57 15.55
C GLU B 90 0.43 42.25 16.11
N TYR B 91 0.39 41.18 15.30
CA TYR B 91 0.88 39.89 15.75
C TYR B 91 2.37 39.94 16.09
N VAL B 92 3.17 40.62 15.26
CA VAL B 92 4.61 40.70 15.49
C VAL B 92 4.91 41.67 16.62
N GLU B 93 4.23 42.81 16.65
CA GLU B 93 4.58 43.87 17.60
C GLU B 93 4.19 43.51 19.02
N GLN B 94 2.97 43.01 19.21
CA GLN B 94 2.48 42.76 20.57
C GLN B 94 3.30 41.71 21.29
N LYS B 95 3.74 40.68 20.58
CA LYS B 95 4.49 39.55 21.13
C LYS B 95 3.63 38.66 21.99
N ASP B 96 2.37 39.02 22.23
CA ASP B 96 1.46 38.20 23.03
C ASP B 96 0.75 37.14 22.20
N PHE B 97 0.86 37.17 20.89
CA PHE B 97 0.27 36.15 20.03
C PHE B 97 0.99 34.80 20.16
N ALA B 98 2.15 34.76 20.80
CA ALA B 98 2.77 33.49 21.12
C ALA B 98 1.86 32.64 22.00
N HIS B 99 1.17 33.29 22.96
CA HIS B 99 0.18 32.61 23.77
C HIS B 99 -1.00 32.13 22.93
N LEU B 100 -1.16 32.66 21.72
CA LEU B 100 -2.25 32.24 20.85
C LEU B 100 -2.01 30.84 20.28
N GLY B 101 -0.74 30.46 20.07
CA GLY B 101 -0.40 29.12 19.66
C GLY B 101 -0.03 28.96 18.20
N LEU B 102 -0.08 30.03 17.41
CA LEU B 102 0.32 29.98 16.01
C LEU B 102 1.80 30.32 15.91
N GLU B 103 2.60 29.39 15.33
CA GLU B 103 4.03 29.60 15.28
C GLU B 103 4.43 30.46 14.08
N PRO B 104 5.57 31.15 14.17
CA PRO B 104 5.92 32.09 13.07
C PRO B 104 6.19 31.40 11.74
N ILE B 105 6.87 30.25 11.76
CA ILE B 105 7.21 29.58 10.50
C ILE B 105 5.95 29.02 9.84
N THR B 106 5.04 28.45 10.62
CA THR B 106 3.78 27.95 10.04
C THR B 106 2.95 29.11 9.51
N LEU B 107 2.94 30.24 10.21
CA LEU B 107 2.26 31.43 9.72
C LEU B 107 2.82 31.85 8.36
N LEU B 108 4.14 31.85 8.22
CA LEU B 108 4.73 32.19 6.93
C LEU B 108 4.41 31.14 5.88
N GLN B 109 4.24 29.87 6.30
CA GLN B 109 3.82 28.84 5.37
C GLN B 109 2.41 29.11 4.86
N GLN B 110 1.50 29.48 5.77
CA GLN B 110 0.14 29.79 5.36
C GLN B 110 0.09 30.99 4.43
N THR B 111 0.86 32.03 4.75
CA THR B 111 0.92 33.21 3.90
C THR B 111 1.45 32.86 2.51
N THR B 112 2.51 32.06 2.45
CA THR B 112 3.08 31.67 1.17
C THR B 112 2.12 30.76 0.40
N SER B 113 1.44 29.86 1.11
CA SER B 113 0.46 29.00 0.46
C SER B 113 -0.68 29.82 -0.13
N GLY B 114 -1.16 30.82 0.61
CA GLY B 114 -2.19 31.69 0.09
C GLY B 114 -1.71 32.51 -1.09
N LEU B 115 -0.44 32.93 -1.07
CA LEU B 115 0.12 33.63 -2.21
C LEU B 115 0.20 32.72 -3.42
N ALA B 116 0.64 31.47 -3.21
CA ALA B 116 0.69 30.49 -4.30
C ALA B 116 -0.68 30.27 -4.92
N HIS B 117 -1.74 30.38 -4.12
CA HIS B 117 -3.10 30.19 -4.64
C HIS B 117 -3.47 31.32 -5.58
N LEU B 118 -3.23 32.57 -5.18
CA LEU B 118 -3.57 33.70 -6.04
C LEU B 118 -2.76 33.67 -7.32
N HIS B 119 -1.49 33.28 -7.24
CA HIS B 119 -0.65 33.26 -8.44
C HIS B 119 -1.10 32.19 -9.42
N SER B 120 -1.60 31.06 -8.91
CA SER B 120 -2.08 30.00 -9.78
C SER B 120 -3.28 30.45 -10.60
N LEU B 121 -4.04 31.41 -10.07
CA LEU B 121 -5.17 31.99 -10.77
C LEU B 121 -4.79 33.20 -11.59
N ASN B 122 -3.49 33.51 -11.69
CA ASN B 122 -3.00 34.66 -12.44
C ASN B 122 -3.51 35.98 -11.84
N ILE B 123 -3.50 36.04 -10.52
CA ILE B 123 -3.77 37.27 -9.77
C ILE B 123 -2.46 37.69 -9.11
N VAL B 124 -2.20 39.00 -9.09
CA VAL B 124 -1.03 39.57 -8.44
C VAL B 124 -1.50 40.57 -7.40
N HIS B 125 -0.91 40.50 -6.21
CA HIS B 125 -1.35 41.33 -5.10
C HIS B 125 -0.99 42.80 -5.34
N ARG B 126 0.28 43.06 -5.66
CA ARG B 126 0.86 44.36 -5.97
C ARG B 126 1.09 45.23 -4.75
N ASP B 127 0.43 44.91 -3.64
CA ASP B 127 0.75 45.50 -2.36
C ASP B 127 0.65 44.38 -1.34
N LEU B 128 1.78 44.03 -0.71
CA LEU B 128 1.81 42.95 0.25
C LEU B 128 2.66 43.42 1.42
N LYS B 129 2.09 43.38 2.61
CA LYS B 129 2.79 43.87 3.79
C LYS B 129 2.15 43.30 5.04
N PRO B 130 2.69 43.56 6.23
CA PRO B 130 2.08 43.01 7.45
C PRO B 130 0.69 43.55 7.73
N HIS B 131 0.35 44.73 7.22
CA HIS B 131 -1.00 45.25 7.42
C HIS B 131 -2.02 44.47 6.60
N ASN B 132 -1.64 44.01 5.41
CA ASN B 132 -2.54 43.29 4.53
C ASN B 132 -2.65 41.79 4.85
N ILE B 133 -1.74 41.25 5.66
CA ILE B 133 -1.79 39.85 6.07
C ILE B 133 -2.51 39.79 7.41
N LEU B 134 -3.70 39.20 7.43
CA LEU B 134 -4.60 39.28 8.57
C LEU B 134 -4.61 37.98 9.35
N ILE B 135 -4.79 38.12 10.67
CA ILE B 135 -4.93 36.98 11.58
C ILE B 135 -6.42 36.69 11.75
N SER B 136 -6.80 35.46 11.46
CA SER B 136 -8.22 35.11 11.41
C SER B 136 -8.83 35.04 12.81
N MET B 137 -10.15 35.18 12.85
CA MET B 137 -10.89 34.91 14.07
C MET B 137 -10.68 33.46 14.50
N PRO B 138 -10.51 33.18 15.79
CA PRO B 138 -10.39 31.78 16.23
C PRO B 138 -11.62 30.98 15.85
N ASN B 139 -11.39 29.82 15.25
CA ASN B 139 -12.49 28.93 14.90
C ASN B 139 -13.04 28.28 16.17
N ALA B 140 -14.07 27.44 16.02
CA ALA B 140 -14.70 26.81 17.16
C ALA B 140 -13.71 26.03 18.02
N HIS B 141 -12.60 25.59 17.45
CA HIS B 141 -11.58 24.86 18.18
C HIS B 141 -10.47 25.76 18.72
N GLY B 142 -10.58 27.07 18.53
CA GLY B 142 -9.56 27.99 18.99
C GLY B 142 -8.35 28.13 18.09
N LYS B 143 -8.35 27.46 16.93
CA LYS B 143 -7.24 27.54 16.00
C LYS B 143 -7.30 28.83 15.20
N ILE B 144 -6.12 29.36 14.87
CA ILE B 144 -5.98 30.62 14.16
C ILE B 144 -5.04 30.42 12.97
N LYS B 145 -5.27 31.19 11.91
CA LYS B 145 -4.54 31.05 10.66
C LYS B 145 -4.29 32.43 10.06
N ALA B 146 -3.25 32.50 9.24
CA ALA B 146 -2.93 33.72 8.49
C ALA B 146 -3.69 33.74 7.17
N MET B 147 -4.13 34.92 6.78
CA MET B 147 -4.86 35.08 5.52
C MET B 147 -4.36 36.35 4.82
N ILE B 148 -3.92 36.19 3.57
CA ILE B 148 -3.60 37.35 2.75
C ILE B 148 -4.89 38.07 2.39
N SER B 149 -4.84 39.39 2.35
CA SER B 149 -6.02 40.21 2.17
C SER B 149 -5.65 41.49 1.46
N ASP B 150 -6.67 42.18 0.94
CA ASP B 150 -6.43 43.46 0.27
C ASP B 150 -6.14 44.58 1.27
N PHE B 151 -6.85 44.60 2.38
CA PHE B 151 -6.89 45.75 3.28
C PHE B 151 -6.29 45.39 4.64
N GLY B 152 -5.77 46.41 5.33
CA GLY B 152 -5.35 46.28 6.71
C GLY B 152 -6.37 46.89 7.66
N LEU B 153 -6.15 46.64 8.96
CA LEU B 153 -7.04 47.09 10.01
C LEU B 153 -6.45 48.32 10.72
N CYS B 154 -7.20 48.83 11.69
CA CYS B 154 -6.78 49.97 12.50
C CYS B 154 -6.35 49.50 13.89
N GLU B 174 4.91 53.07 1.76
CA GLU B 174 5.73 52.21 0.90
C GLU B 174 6.78 51.47 1.71
N GLY B 175 7.82 50.99 1.03
CA GLY B 175 8.90 50.26 1.65
C GLY B 175 8.86 48.76 1.41
N TRP B 176 7.70 48.21 1.08
CA TRP B 176 7.56 46.82 0.70
C TRP B 176 7.52 46.61 -0.82
N ILE B 177 7.63 47.68 -1.61
CA ILE B 177 7.45 47.59 -3.05
C ILE B 177 8.75 47.16 -3.71
N ALA B 178 8.65 46.25 -4.67
CA ALA B 178 9.82 45.79 -5.41
C ALA B 178 10.42 46.94 -6.21
N PRO B 179 11.73 46.92 -6.45
CA PRO B 179 12.34 48.01 -7.24
C PRO B 179 11.89 48.03 -8.68
N GLU B 180 11.60 46.86 -9.27
CA GLU B 180 11.22 46.79 -10.67
C GLU B 180 9.91 47.53 -10.96
N MET B 181 9.11 47.79 -9.93
CA MET B 181 7.80 48.41 -10.13
C MET B 181 7.87 49.93 -10.23
N LEU B 182 9.06 50.52 -10.10
CA LEU B 182 9.22 51.95 -10.32
C LEU B 182 9.68 52.21 -11.76
N SER B 183 10.88 51.74 -12.11
CA SER B 183 11.36 51.81 -13.49
C SER B 183 10.91 50.58 -14.27
N ASN B 189 1.49 47.14 -15.04
CA ASN B 189 1.31 45.75 -15.43
C ASN B 189 2.31 44.83 -14.73
N PRO B 190 2.10 44.62 -13.43
CA PRO B 190 3.08 43.89 -12.62
C PRO B 190 3.05 42.39 -12.85
N THR B 191 4.21 41.78 -12.61
CA THR B 191 4.38 40.34 -12.69
C THR B 191 4.23 39.74 -11.30
N TYR B 192 4.32 38.41 -11.21
CA TYR B 192 4.15 37.73 -9.93
C TYR B 192 5.38 37.81 -9.04
N THR B 193 6.56 38.02 -9.61
CA THR B 193 7.78 38.13 -8.83
C THR B 193 7.79 39.36 -7.93
N VAL B 194 6.95 40.36 -8.23
CA VAL B 194 6.82 41.52 -7.34
C VAL B 194 6.43 41.05 -5.94
N ASP B 195 5.50 40.11 -5.85
CA ASP B 195 5.00 39.66 -4.55
C ASP B 195 6.04 38.84 -3.79
N ILE B 196 6.90 38.11 -4.51
CA ILE B 196 7.96 37.35 -3.84
C ILE B 196 8.92 38.29 -3.12
N PHE B 197 9.16 39.47 -3.68
CA PHE B 197 10.02 40.45 -3.02
C PHE B 197 9.38 40.96 -1.73
N SER B 198 8.10 41.37 -1.81
CA SER B 198 7.38 41.78 -0.62
C SER B 198 7.32 40.65 0.42
N ALA B 199 7.15 39.42 -0.05
CA ALA B 199 7.08 38.28 0.85
C ALA B 199 8.39 38.08 1.59
N GLY B 200 9.51 38.19 0.88
CA GLY B 200 10.80 38.07 1.54
C GLY B 200 10.99 39.09 2.64
N CYS B 201 10.52 40.32 2.42
CA CYS B 201 10.56 41.32 3.49
C CYS B 201 9.71 40.88 4.68
N VAL B 202 8.51 40.36 4.41
CA VAL B 202 7.64 39.89 5.48
C VAL B 202 8.29 38.72 6.22
N PHE B 203 8.96 37.83 5.49
CA PHE B 203 9.64 36.71 6.13
C PHE B 203 10.64 37.20 7.17
N TYR B 204 11.46 38.19 6.81
CA TYR B 204 12.43 38.73 7.75
C TYR B 204 11.75 39.53 8.84
N TYR B 205 10.65 40.22 8.52
CA TYR B 205 9.93 40.99 9.52
C TYR B 205 9.42 40.10 10.65
N VAL B 206 8.94 38.90 10.34
CA VAL B 206 8.40 38.01 11.36
C VAL B 206 9.52 37.37 12.16
N ILE B 207 10.53 36.82 11.48
CA ILE B 207 11.60 36.13 12.18
C ILE B 207 12.38 37.10 13.07
N SER B 208 12.61 38.31 12.58
CA SER B 208 13.39 39.31 13.32
C SER B 208 12.55 40.08 14.32
N GLU B 209 11.24 39.85 14.36
CA GLU B 209 10.36 40.48 15.35
C GLU B 209 10.40 42.00 15.28
N GLY B 210 10.12 42.52 14.08
CA GLY B 210 9.94 43.94 13.85
C GLY B 210 11.02 44.62 13.03
N SER B 211 12.11 43.93 12.70
CA SER B 211 13.17 44.49 11.87
C SER B 211 12.92 44.17 10.40
N HIS B 212 13.28 45.11 9.54
CA HIS B 212 13.06 45.03 8.11
C HIS B 212 14.40 44.96 7.40
N PRO B 213 14.51 44.22 6.27
CA PRO B 213 15.84 44.03 5.68
C PRO B 213 16.46 45.32 5.17
N PHE B 214 15.65 46.20 4.60
CA PHE B 214 16.08 47.50 4.10
C PHE B 214 15.98 48.61 5.15
N GLY B 215 15.64 48.27 6.38
CA GLY B 215 15.74 49.20 7.50
C GLY B 215 14.44 49.91 7.81
N LYS B 216 14.61 51.09 8.43
CA LYS B 216 13.50 51.82 9.02
C LYS B 216 12.50 52.27 7.96
N SER B 217 11.26 52.52 8.41
CA SER B 217 10.13 52.65 7.50
C SER B 217 10.33 53.77 6.49
N LEU B 218 10.86 54.91 6.92
CA LEU B 218 10.98 56.04 6.01
C LEU B 218 12.12 55.85 5.02
N GLN B 219 13.18 55.13 5.40
CA GLN B 219 14.36 54.96 4.56
C GLN B 219 14.36 53.68 3.74
N ARG B 220 13.38 52.80 3.92
CA ARG B 220 13.52 51.45 3.36
C ARG B 220 13.24 51.41 1.86
N GLN B 221 12.36 52.28 1.36
CA GLN B 221 12.09 52.27 -0.08
C GLN B 221 13.25 52.88 -0.85
N ALA B 222 13.89 53.91 -0.29
CA ALA B 222 15.11 54.45 -0.90
C ALA B 222 16.23 53.41 -0.89
N ASN B 223 16.39 52.70 0.22
CA ASN B 223 17.37 51.62 0.27
C ASN B 223 17.05 50.51 -0.71
N ILE B 224 15.78 50.33 -1.05
CA ILE B 224 15.40 49.29 -1.99
C ILE B 224 15.90 49.63 -3.38
N LEU B 225 15.86 50.91 -3.75
CA LEU B 225 16.39 51.32 -5.05
C LEU B 225 17.90 51.14 -5.12
N LEU B 226 18.59 51.34 -4.00
CA LEU B 226 20.05 51.29 -3.96
C LEU B 226 20.59 49.92 -3.60
N GLY B 227 19.72 48.93 -3.42
CA GLY B 227 20.17 47.59 -3.08
C GLY B 227 20.86 47.48 -1.74
N ALA B 228 20.50 48.36 -0.79
CA ALA B 228 21.13 48.36 0.53
C ALA B 228 20.29 47.47 1.45
N CYS B 229 20.87 46.35 1.86
CA CYS B 229 20.13 45.29 2.54
C CYS B 229 20.96 44.76 3.70
N SER B 230 20.36 44.64 4.88
CA SER B 230 21.03 44.12 6.06
C SER B 230 20.15 43.08 6.74
N LEU B 231 20.62 41.84 6.75
CA LEU B 231 19.97 40.70 7.39
C LEU B 231 20.49 40.41 8.79
N ASP B 232 21.31 41.30 9.37
CA ASP B 232 22.21 40.95 10.46
C ASP B 232 21.53 40.27 11.65
N CYS B 233 20.21 40.37 11.79
CA CYS B 233 19.54 39.61 12.84
C CYS B 233 19.71 38.11 12.70
N LEU B 234 20.14 37.64 11.52
CA LEU B 234 20.39 36.22 11.29
C LEU B 234 21.85 35.91 11.55
N HIS B 235 22.12 35.01 12.48
CA HIS B 235 23.49 34.66 12.84
C HIS B 235 24.07 33.70 11.80
N PRO B 236 25.27 33.96 11.27
CA PRO B 236 25.83 33.06 10.23
C PRO B 236 26.24 31.69 10.75
N GLU B 237 26.52 31.53 12.04
CA GLU B 237 26.89 30.24 12.61
C GLU B 237 25.73 29.49 13.27
N LYS B 238 24.51 30.02 13.19
CA LYS B 238 23.35 29.37 13.77
C LYS B 238 22.53 28.73 12.65
N HIS B 239 22.31 27.42 12.75
CA HIS B 239 21.73 26.65 11.64
C HIS B 239 20.38 27.23 11.20
N GLU B 240 19.50 27.53 12.15
CA GLU B 240 18.19 28.04 11.81
CA GLU B 240 18.18 28.04 11.81
C GLU B 240 18.29 29.33 11.01
N ASP B 241 19.15 30.25 11.46
CA ASP B 241 19.26 31.55 10.80
C ASP B 241 19.96 31.44 9.45
N VAL B 242 20.82 30.44 9.25
CA VAL B 242 21.48 30.26 7.96
C VAL B 242 20.46 29.83 6.91
N ILE B 243 19.67 28.81 7.22
CA ILE B 243 18.65 28.34 6.28
C ILE B 243 17.68 29.46 5.95
N ALA B 244 17.25 30.21 6.96
CA ALA B 244 16.37 31.34 6.71
C ALA B 244 17.03 32.37 5.81
N ARG B 245 18.34 32.56 5.96
CA ARG B 245 19.04 33.56 5.16
C ARG B 245 19.07 33.16 3.69
N GLU B 246 19.37 31.89 3.41
CA GLU B 246 19.44 31.42 2.03
C GLU B 246 18.16 31.72 1.27
N LEU B 247 17.00 31.42 1.88
CA LEU B 247 15.73 31.65 1.21
C LEU B 247 15.44 33.15 1.08
N ILE B 248 15.62 33.90 2.17
CA ILE B 248 15.22 35.31 2.19
C ILE B 248 15.97 36.09 1.13
N GLU B 249 17.30 36.00 1.11
CA GLU B 249 18.08 36.80 0.19
C GLU B 249 17.85 36.39 -1.27
N LYS B 250 17.34 35.20 -1.52
CA LYS B 250 16.90 34.85 -2.86
C LYS B 250 15.55 35.46 -3.19
N MET B 251 14.70 35.67 -2.19
CA MET B 251 13.37 36.23 -2.43
C MET B 251 13.42 37.74 -2.65
N ILE B 252 14.30 38.44 -1.93
CA ILE B 252 14.42 39.89 -2.03
C ILE B 252 15.51 40.24 -3.04
N ALA B 253 16.04 39.23 -3.73
CA ALA B 253 17.12 39.45 -4.68
C ALA B 253 16.74 40.53 -5.69
N MET B 254 17.72 41.39 -6.00
CA MET B 254 17.48 42.52 -6.88
C MET B 254 17.05 42.08 -8.27
N ASP B 255 17.51 40.91 -8.71
CA ASP B 255 17.21 40.41 -10.05
C ASP B 255 15.89 39.65 -10.00
N PRO B 256 14.81 40.15 -10.63
CA PRO B 256 13.51 39.46 -10.50
C PRO B 256 13.53 38.04 -11.04
N GLN B 257 14.47 37.70 -11.92
CA GLN B 257 14.52 36.37 -12.49
C GLN B 257 15.11 35.34 -11.52
N LYS B 258 15.81 35.78 -10.48
CA LYS B 258 16.39 34.89 -9.49
C LYS B 258 15.50 34.65 -8.29
N ARG B 259 14.32 35.28 -8.23
CA ARG B 259 13.41 35.09 -7.11
C ARG B 259 12.58 33.83 -7.34
N PRO B 260 12.50 32.93 -6.36
CA PRO B 260 11.71 31.71 -6.56
C PRO B 260 10.21 31.97 -6.44
N SER B 261 9.45 31.15 -7.15
CA SER B 261 7.99 31.26 -7.09
C SER B 261 7.49 30.74 -5.75
N ALA B 262 6.26 31.15 -5.42
CA ALA B 262 5.67 30.78 -4.14
C ALA B 262 5.74 29.29 -3.87
N LYS B 263 5.51 28.47 -4.90
CA LYS B 263 5.57 27.02 -4.70
C LYS B 263 6.99 26.54 -4.51
N HIS B 264 7.98 27.24 -5.06
CA HIS B 264 9.38 26.92 -4.76
C HIS B 264 9.72 27.27 -3.31
N VAL B 265 9.20 28.39 -2.83
CA VAL B 265 9.45 28.81 -1.44
C VAL B 265 8.95 27.74 -0.48
N LEU B 266 7.82 27.10 -0.80
CA LEU B 266 7.22 26.13 0.11
C LEU B 266 8.07 24.87 0.24
N LYS B 267 8.83 24.53 -0.80
CA LYS B 267 9.70 23.36 -0.74
C LYS B 267 11.01 23.63 0.01
N HIS B 268 11.30 24.88 0.34
CA HIS B 268 12.61 25.21 0.90
C HIS B 268 12.81 24.55 2.26
N PRO B 269 14.06 24.27 2.65
CA PRO B 269 14.30 23.68 3.98
C PRO B 269 13.80 24.53 5.13
N PHE B 270 13.51 25.80 4.89
CA PHE B 270 13.04 26.69 5.95
C PHE B 270 11.78 26.16 6.61
N PHE B 271 10.92 25.47 5.86
CA PHE B 271 9.66 24.94 6.39
C PHE B 271 9.75 23.49 6.81
N TRP B 272 10.90 22.83 6.64
CA TRP B 272 11.01 21.43 7.02
C TRP B 272 11.01 21.28 8.53
N SER B 273 10.46 20.16 9.00
CA SER B 273 10.54 19.80 10.41
C SER B 273 11.91 19.19 10.70
N LEU B 274 12.15 18.85 11.96
CA LEU B 274 13.46 18.34 12.34
C LEU B 274 13.69 16.95 11.77
N GLU B 275 12.69 16.07 11.84
CA GLU B 275 12.86 14.72 11.31
C GLU B 275 12.89 14.72 9.78
N LYS B 276 12.27 15.71 9.14
CA LYS B 276 12.37 15.80 7.67
C LYS B 276 13.78 16.19 7.24
N GLN B 277 14.44 17.05 8.02
CA GLN B 277 15.84 17.38 7.75
C GLN B 277 16.72 16.15 7.91
N LEU B 278 16.48 15.37 8.97
CA LEU B 278 17.23 14.13 9.16
C LEU B 278 16.96 13.15 8.03
N GLN B 279 15.71 13.10 7.55
CA GLN B 279 15.38 12.20 6.45
C GLN B 279 16.05 12.64 5.16
N PHE B 280 16.16 13.95 4.94
CA PHE B 280 16.89 14.45 3.78
C PHE B 280 18.35 14.00 3.83
N PHE B 281 19.00 14.19 4.98
CA PHE B 281 20.38 13.75 5.12
C PHE B 281 20.52 12.25 4.85
N GLN B 282 19.59 11.44 5.37
CA GLN B 282 19.64 10.01 5.11
C GLN B 282 19.44 9.71 3.64
N ASP B 283 18.47 10.37 3.00
CA ASP B 283 18.20 10.10 1.59
C ASP B 283 19.39 10.46 0.71
N VAL B 284 20.10 11.54 1.05
CA VAL B 284 21.26 11.94 0.26
C VAL B 284 22.38 10.92 0.39
N SER B 285 22.57 10.37 1.60
CA SER B 285 23.66 9.43 1.83
C SER B 285 23.43 8.11 1.09
N ASP B 286 22.18 7.64 1.04
CA ASP B 286 21.88 6.41 0.31
C ASP B 286 22.16 6.57 -1.18
N ARG B 287 21.84 7.76 -1.73
CA ARG B 287 22.01 8.00 -3.15
C ARG B 287 23.47 8.16 -3.56
N ILE B 288 24.34 8.54 -2.62
CA ILE B 288 25.72 8.90 -2.94
C ILE B 288 26.67 7.72 -2.78
N GLU B 289 26.15 6.52 -2.49
CA GLU B 289 26.98 5.45 -1.96
C GLU B 289 28.15 5.10 -2.89
N LYS B 290 27.88 4.71 -4.14
CA LYS B 290 28.94 4.70 -5.16
C LYS B 290 28.61 5.72 -6.23
N GLU B 291 29.25 6.89 -6.18
CA GLU B 291 29.28 7.83 -7.30
C GLU B 291 30.64 7.94 -8.02
N SER B 292 31.69 7.25 -7.55
CA SER B 292 33.04 7.25 -8.10
C SER B 292 33.93 8.42 -7.62
N LEU B 293 33.37 9.45 -6.97
CA LEU B 293 34.11 10.58 -6.41
C LEU B 293 34.63 11.55 -7.46
N ASP B 294 34.68 11.12 -8.73
CA ASP B 294 34.95 12.00 -9.85
C ASP B 294 33.69 12.44 -10.56
N GLY B 295 32.53 11.96 -10.12
CA GLY B 295 31.29 12.28 -10.77
C GLY B 295 30.73 13.60 -10.29
N PRO B 296 29.71 14.08 -11.00
CA PRO B 296 29.15 15.40 -10.67
C PRO B 296 28.59 15.49 -9.26
N ILE B 297 27.83 14.48 -8.84
CA ILE B 297 27.17 14.53 -7.52
C ILE B 297 28.21 14.74 -6.41
N VAL B 298 29.13 13.80 -6.25
CA VAL B 298 30.13 13.93 -5.19
C VAL B 298 30.97 15.17 -5.40
N LYS B 299 31.39 15.42 -6.65
CA LYS B 299 32.23 16.58 -6.93
C LYS B 299 31.51 17.89 -6.64
N GLN B 300 30.20 17.93 -6.91
CA GLN B 300 29.44 19.16 -6.68
C GLN B 300 29.37 19.50 -5.20
N LEU B 301 28.95 18.54 -4.37
CA LEU B 301 28.86 18.78 -2.94
C LEU B 301 30.24 18.89 -2.30
N GLU B 302 31.24 18.22 -2.85
CA GLU B 302 32.59 18.30 -2.28
C GLU B 302 33.30 19.60 -2.65
N ARG B 303 32.79 20.34 -3.63
CA ARG B 303 33.44 21.59 -4.03
C ARG B 303 33.52 22.57 -2.86
N GLY B 304 32.44 22.70 -2.11
CA GLY B 304 32.44 23.50 -0.90
C GLY B 304 32.98 22.78 0.31
N GLY B 305 33.56 21.60 0.14
CA GLY B 305 33.94 20.79 1.28
C GLY B 305 35.05 21.45 2.09
N ARG B 306 35.07 21.12 3.38
CA ARG B 306 36.08 21.51 4.34
C ARG B 306 35.94 22.97 4.76
N ALA B 307 35.22 23.78 3.97
CA ALA B 307 34.68 25.03 4.48
C ALA B 307 33.36 24.78 5.20
N VAL B 308 32.50 23.95 4.61
CA VAL B 308 31.25 23.52 5.26
C VAL B 308 31.56 22.48 6.32
N VAL B 309 32.49 21.58 6.03
CA VAL B 309 32.90 20.55 6.98
C VAL B 309 33.74 21.12 8.12
N LYS B 310 34.13 22.39 8.03
CA LYS B 310 35.00 23.01 9.03
C LYS B 310 36.33 22.24 9.15
N MET B 311 36.99 22.08 8.01
CA MET B 311 38.26 21.34 7.93
C MET B 311 37.98 19.91 8.35
N ASP B 312 38.62 19.38 9.39
CA ASP B 312 38.36 18.01 9.82
C ASP B 312 37.15 17.99 10.75
N TRP B 313 36.09 17.27 10.34
CA TRP B 313 34.88 17.22 11.14
C TRP B 313 34.98 16.26 12.31
N ARG B 314 36.00 15.39 12.33
CA ARG B 314 36.19 14.47 13.43
C ARG B 314 36.54 15.17 14.73
N GLU B 315 37.09 16.40 14.66
CA GLU B 315 37.49 17.11 15.86
C GLU B 315 36.33 17.80 16.56
N ASN B 316 35.27 18.17 15.82
CA ASN B 316 34.20 18.98 16.40
C ASN B 316 33.25 18.18 17.27
N ILE B 317 33.07 16.89 16.96
CA ILE B 317 32.12 16.05 17.70
C ILE B 317 32.61 15.80 19.12
N THR B 318 31.67 15.34 19.96
CA THR B 318 31.93 15.16 21.38
C THR B 318 32.89 13.99 21.60
N VAL B 319 33.22 13.74 22.87
CA VAL B 319 34.21 12.72 23.22
C VAL B 319 33.65 11.32 22.94
N PRO B 320 32.46 10.96 23.45
CA PRO B 320 31.95 9.60 23.20
C PRO B 320 31.94 9.19 21.73
N LEU B 321 31.57 10.10 20.82
CA LEU B 321 31.44 9.73 19.41
C LEU B 321 32.80 9.59 18.72
N GLN B 322 33.82 10.31 19.20
CA GLN B 322 35.13 10.23 18.55
C GLN B 322 35.74 8.85 18.71
N THR B 323 35.63 8.26 19.90
CA THR B 323 36.13 6.91 20.12
C THR B 323 35.17 5.86 19.55
N ASP B 324 33.88 6.18 19.46
CA ASP B 324 32.92 5.24 18.88
C ASP B 324 33.22 4.94 17.43
N LEU B 325 33.97 5.80 16.75
CA LEU B 325 34.36 5.60 15.36
C LEU B 325 35.83 5.23 15.26
N PHE B 328 38.30 4.94 11.80
CA PHE B 328 38.05 4.08 10.66
C PHE B 328 38.69 4.63 9.39
N ARG B 329 39.25 3.74 8.58
CA ARG B 329 39.94 4.15 7.36
C ARG B 329 38.97 4.73 6.34
N THR B 330 37.71 4.28 6.34
CA THR B 330 36.75 4.75 5.36
C THR B 330 36.48 6.25 5.54
N TYR B 331 36.40 6.72 6.78
CA TYR B 331 36.04 8.11 7.05
C TYR B 331 37.24 9.03 6.81
N LYS B 332 37.04 10.03 5.95
CA LYS B 332 38.10 10.99 5.65
C LYS B 332 38.23 12.07 6.72
N GLY B 333 37.10 12.60 7.19
CA GLY B 333 37.08 13.69 8.13
C GLY B 333 37.09 15.07 7.52
N GLY B 334 37.58 15.20 6.28
CA GLY B 334 37.51 16.44 5.54
C GLY B 334 36.52 16.42 4.40
N SER B 335 35.64 15.42 4.35
CA SER B 335 34.73 15.22 3.22
C SER B 335 33.29 15.39 3.69
N VAL B 336 32.51 16.15 2.93
CA VAL B 336 31.08 16.27 3.19
C VAL B 336 30.43 14.90 3.06
N ARG B 337 30.83 14.13 2.05
CA ARG B 337 30.20 12.84 1.77
C ARG B 337 30.35 11.88 2.94
N ASP B 338 31.55 11.83 3.54
CA ASP B 338 31.78 10.87 4.62
C ASP B 338 31.08 11.30 5.91
N LEU B 339 30.84 12.61 6.09
CA LEU B 339 30.13 13.06 7.27
C LEU B 339 28.66 12.64 7.22
N LEU B 340 28.01 12.82 6.06
CA LEU B 340 26.64 12.33 5.91
C LEU B 340 26.58 10.82 6.00
N ARG B 341 27.60 10.13 5.48
CA ARG B 341 27.64 8.68 5.60
C ARG B 341 27.76 8.27 7.06
N ALA B 342 28.58 8.99 7.85
CA ALA B 342 28.68 8.71 9.28
C ALA B 342 27.38 9.02 10.01
N MET B 343 26.64 10.02 9.55
CA MET B 343 25.37 10.37 10.19
C MET B 343 24.34 9.28 9.98
N ARG B 344 24.19 8.80 8.73
CA ARG B 344 23.26 7.70 8.47
C ARG B 344 23.71 6.44 9.16
N ASN B 345 25.00 6.12 9.08
CA ASN B 345 25.52 4.91 9.71
C ASN B 345 25.27 4.91 11.21
N LYS B 346 25.37 6.08 11.84
CA LYS B 346 25.11 6.17 13.28
C LYS B 346 23.62 6.05 13.58
N LYS B 347 22.78 6.60 12.71
CA LYS B 347 21.33 6.52 12.92
C LYS B 347 20.81 5.13 12.57
N HIS B 348 21.31 4.55 11.49
CA HIS B 348 20.86 3.22 11.07
C HIS B 348 21.08 2.18 12.17
N HIS B 349 22.22 2.24 12.83
CA HIS B 349 22.59 1.33 13.90
C HIS B 349 22.25 1.88 15.28
N TYR B 350 21.54 3.02 15.34
CA TYR B 350 21.32 3.73 16.60
C TYR B 350 20.82 2.80 17.70
N ARG B 351 19.93 1.87 17.38
CA ARG B 351 19.32 1.04 18.42
C ARG B 351 20.34 0.15 19.11
N GLU B 352 21.42 -0.22 18.42
CA GLU B 352 22.41 -1.15 18.94
C GLU B 352 23.61 -0.46 19.58
N LEU B 353 23.61 0.87 19.66
CA LEU B 353 24.79 1.59 20.11
C LEU B 353 24.90 1.59 21.64
N PRO B 354 26.09 1.88 22.17
CA PRO B 354 26.26 1.93 23.63
C PRO B 354 25.42 3.02 24.28
N ALA B 355 25.24 2.87 25.60
CA ALA B 355 24.33 3.74 26.34
C ALA B 355 24.81 5.18 26.35
N GLU B 356 26.09 5.40 26.68
CA GLU B 356 26.59 6.77 26.79
C GLU B 356 26.53 7.50 25.46
N VAL B 357 26.77 6.77 24.36
CA VAL B 357 26.73 7.41 23.05
C VAL B 357 25.31 7.85 22.72
N ARG B 358 24.30 7.09 23.17
CA ARG B 358 22.93 7.53 23.03
C ARG B 358 22.75 8.91 23.63
N GLU B 359 23.24 9.09 24.87
CA GLU B 359 22.98 10.31 25.63
C GLU B 359 23.28 11.57 24.82
N THR B 360 24.36 11.54 24.02
CA THR B 360 24.68 12.69 23.16
C THR B 360 23.54 12.95 22.17
N LEU B 361 23.10 11.91 21.47
CA LEU B 361 22.05 11.95 20.45
C LEU B 361 20.67 11.56 20.97
N GLY B 362 20.51 11.42 22.30
CA GLY B 362 19.57 10.45 22.86
C GLY B 362 18.17 10.46 22.28
N SER B 363 17.50 11.62 22.27
CA SER B 363 16.06 11.61 22.03
C SER B 363 15.74 10.98 20.69
N LEU B 364 16.27 11.54 19.62
CA LEU B 364 16.03 11.10 18.25
C LEU B 364 14.57 11.41 17.85
N PRO B 365 14.32 11.65 16.56
CA PRO B 365 15.32 12.09 15.59
C PRO B 365 15.72 13.55 15.86
N ASP B 366 14.90 14.27 16.62
CA ASP B 366 15.06 15.72 16.75
C ASP B 366 16.39 16.10 17.38
N ASP B 367 16.74 15.44 18.49
CA ASP B 367 18.03 15.73 19.13
C ASP B 367 19.19 15.24 18.27
N PHE B 368 19.00 14.10 17.59
CA PHE B 368 20.05 13.55 16.74
C PHE B 368 20.39 14.51 15.60
N VAL B 369 19.37 15.04 14.91
CA VAL B 369 19.62 15.97 13.82
C VAL B 369 20.17 17.29 14.38
N CYS B 370 19.69 17.71 15.55
CA CYS B 370 20.17 18.95 16.15
C CYS B 370 21.63 18.86 16.54
N TYR B 371 22.09 17.67 16.93
CA TYR B 371 23.49 17.49 17.30
C TYR B 371 24.43 17.87 16.16
N PHE B 372 24.13 17.43 14.94
CA PHE B 372 24.99 17.71 13.80
C PHE B 372 24.80 19.11 13.24
N THR B 373 23.55 19.59 13.20
CA THR B 373 23.29 20.89 12.59
C THR B 373 23.87 22.04 13.41
N SER B 374 23.91 21.88 14.74
CA SER B 374 24.51 22.94 15.57
C SER B 374 26.02 23.02 15.36
N ARG B 375 26.67 21.88 15.16
CA ARG B 375 28.12 21.88 14.98
C ARG B 375 28.51 22.36 13.59
N PHE B 376 27.72 22.01 12.57
CA PHE B 376 27.96 22.40 11.19
C PHE B 376 26.72 23.14 10.68
N PRO B 377 26.59 24.43 11.02
CA PRO B 377 25.35 25.15 10.67
C PRO B 377 25.12 25.27 9.18
N HIS B 378 26.16 25.12 8.37
CA HIS B 378 26.06 25.22 6.92
C HIS B 378 25.90 23.86 6.25
N LEU B 379 25.82 22.77 7.02
CA LEU B 379 25.79 21.44 6.42
C LEU B 379 24.55 21.23 5.55
N LEU B 380 23.37 21.57 6.09
CA LEU B 380 22.14 21.38 5.33
C LEU B 380 22.05 22.37 4.17
N ALA B 381 22.38 23.63 4.41
CA ALA B 381 22.30 24.64 3.36
C ALA B 381 23.17 24.28 2.16
N HIS B 382 24.36 23.73 2.44
CA HIS B 382 25.27 23.38 1.35
C HIS B 382 24.78 22.15 0.59
N THR B 383 24.43 21.09 1.32
CA THR B 383 24.01 19.85 0.67
C THR B 383 22.76 20.04 -0.17
N TYR B 384 21.85 20.91 0.29
CA TYR B 384 20.59 21.09 -0.42
C TYR B 384 20.80 21.71 -1.80
N ARG B 385 21.70 22.69 -1.90
CA ARG B 385 22.00 23.30 -3.19
C ARG B 385 22.97 22.48 -4.02
N ALA B 386 23.74 21.59 -3.39
CA ALA B 386 24.64 20.71 -4.13
C ALA B 386 23.90 19.53 -4.77
N MET B 387 22.80 19.09 -4.16
CA MET B 387 22.08 17.92 -4.62
C MET B 387 20.99 18.24 -5.63
N GLU B 388 20.87 19.50 -6.06
CA GLU B 388 19.81 19.89 -6.97
C GLU B 388 19.86 19.16 -8.31
N LEU B 389 20.97 18.48 -8.62
CA LEU B 389 21.04 17.69 -9.84
C LEU B 389 19.97 16.59 -9.84
N CYS B 390 19.69 16.03 -8.67
CA CYS B 390 18.73 14.94 -8.53
C CYS B 390 17.32 15.44 -8.24
N SER B 391 17.08 16.76 -8.28
CA SER B 391 15.77 17.32 -7.96
C SER B 391 14.66 16.65 -8.75
N HIS B 392 14.96 16.14 -9.94
CA HIS B 392 13.95 15.46 -10.75
C HIS B 392 13.60 14.09 -10.18
N GLU B 393 14.53 13.46 -9.45
CA GLU B 393 14.38 12.07 -9.06
C GLU B 393 13.25 11.88 -8.07
N ARG B 394 12.74 10.65 -8.02
CA ARG B 394 11.63 10.32 -7.13
C ARG B 394 12.04 10.40 -5.66
N LEU B 395 13.29 10.08 -5.35
CA LEU B 395 13.73 10.11 -3.96
C LEU B 395 13.63 11.51 -3.37
N PHE B 396 14.02 12.53 -4.15
CA PHE B 396 14.10 13.91 -3.70
C PHE B 396 12.86 14.74 -4.06
N GLN B 397 11.84 14.14 -4.66
CA GLN B 397 10.61 14.87 -4.96
C GLN B 397 10.07 15.66 -3.77
N PRO B 398 10.07 15.15 -2.53
CA PRO B 398 9.58 15.95 -1.41
C PRO B 398 10.36 17.22 -1.18
N TYR B 399 11.66 17.22 -1.49
CA TYR B 399 12.55 18.31 -1.09
C TYR B 399 12.69 19.41 -2.14
N TYR B 400 12.19 19.24 -3.35
CA TYR B 400 12.43 20.21 -4.42
C TYR B 400 11.16 20.42 -5.23
N PHE B 401 11.25 21.33 -6.20
CA PHE B 401 10.19 21.58 -7.17
C PHE B 401 10.83 21.54 -8.56
N HIS B 402 10.42 20.56 -9.37
CA HIS B 402 11.01 20.37 -10.69
C HIS B 402 10.31 19.24 -11.42
N SER C 1 27.50 -61.04 19.01
CA SER C 1 27.26 -62.17 18.11
C SER C 1 27.37 -61.75 16.65
N VAL C 2 28.23 -62.45 15.89
CA VAL C 2 28.42 -62.20 14.47
C VAL C 2 28.28 -63.52 13.73
N VAL C 3 27.38 -63.57 12.75
CA VAL C 3 27.20 -64.73 11.88
C VAL C 3 27.90 -64.45 10.57
N ILE C 4 28.61 -65.44 10.04
CA ILE C 4 29.40 -65.28 8.81
C ILE C 4 28.94 -66.32 7.81
N VAL C 5 28.44 -65.84 6.67
CA VAL C 5 28.30 -66.62 5.45
C VAL C 5 29.41 -66.13 4.52
N GLY C 6 30.00 -67.04 3.74
CA GLY C 6 31.19 -66.66 3.01
C GLY C 6 30.96 -65.38 2.23
N LYS C 7 31.81 -64.37 2.43
CA LYS C 7 31.75 -63.06 1.79
C LYS C 7 30.82 -62.08 2.52
N ILE C 8 30.05 -62.51 3.52
CA ILE C 8 29.07 -61.65 4.20
C ILE C 8 29.07 -61.94 5.69
N SER C 9 28.87 -60.89 6.49
CA SER C 9 28.75 -61.02 7.93
C SER C 9 27.68 -60.07 8.42
N PHE C 10 26.98 -60.47 9.48
CA PHE C 10 26.02 -59.59 10.12
C PHE C 10 25.91 -59.95 11.59
N CYS C 11 25.13 -59.16 12.31
CA CYS C 11 24.89 -59.35 13.74
C CYS C 11 23.41 -59.67 13.96
N PRO C 12 23.05 -60.89 14.37
CA PRO C 12 21.62 -61.18 14.56
C PRO C 12 20.97 -60.33 15.64
N LYS C 13 21.75 -59.89 16.64
CA LYS C 13 21.19 -59.12 17.74
C LYS C 13 20.83 -57.70 17.33
N ASP C 14 21.48 -57.17 16.29
CA ASP C 14 21.24 -55.81 15.82
C ASP C 14 20.37 -55.88 14.58
N VAL C 15 19.12 -55.45 14.72
CA VAL C 15 18.12 -55.52 13.65
C VAL C 15 17.86 -54.09 13.19
N LEU C 16 18.17 -53.80 11.92
CA LEU C 16 17.94 -52.47 11.37
C LEU C 16 16.48 -52.26 10.96
N GLY C 17 15.82 -53.30 10.47
CA GLY C 17 14.45 -53.15 10.04
C GLY C 17 13.92 -54.42 9.44
N HIS C 18 12.83 -54.29 8.68
CA HIS C 18 12.08 -55.42 8.16
C HIS C 18 11.43 -55.02 6.85
N GLY C 19 10.98 -56.02 6.11
CA GLY C 19 10.39 -55.83 4.80
C GLY C 19 9.36 -56.91 4.53
N ALA C 20 8.80 -56.88 3.34
CA ALA C 20 7.68 -57.74 3.00
C ALA C 20 8.10 -59.21 2.97
N GLU C 21 7.11 -60.08 3.13
CA GLU C 21 7.29 -61.53 3.00
C GLU C 21 8.23 -62.07 4.07
N GLY C 22 8.19 -61.48 5.26
CA GLY C 22 8.96 -61.98 6.38
C GLY C 22 10.44 -61.66 6.33
N THR C 23 10.83 -60.67 5.53
CA THR C 23 12.23 -60.29 5.42
C THR C 23 12.68 -59.53 6.66
N ILE C 24 13.78 -59.97 7.26
CA ILE C 24 14.42 -59.25 8.36
C ILE C 24 15.78 -58.76 7.88
N VAL C 25 16.19 -57.61 8.40
CA VAL C 25 17.36 -56.89 7.91
C VAL C 25 18.25 -56.55 9.10
N TYR C 26 19.53 -56.91 9.00
CA TYR C 26 20.49 -56.72 10.08
C TYR C 26 21.65 -55.86 9.60
N ARG C 27 22.28 -55.18 10.55
CA ARG C 27 23.55 -54.53 10.28
C ARG C 27 24.61 -55.57 9.98
N GLY C 28 25.49 -55.28 9.02
CA GLY C 28 26.47 -56.25 8.60
C GLY C 28 27.61 -55.61 7.85
N MET C 29 28.47 -56.47 7.28
CA MET C 29 29.65 -56.04 6.56
C MET C 29 29.80 -56.86 5.28
N PHE C 30 30.16 -56.18 4.19
CA PHE C 30 30.55 -56.81 2.94
C PHE C 30 31.70 -56.03 2.33
N ASP C 31 32.80 -56.74 2.01
CA ASP C 31 33.96 -56.12 1.36
C ASP C 31 34.41 -54.86 2.11
N ASN C 32 34.51 -54.98 3.43
CA ASN C 32 34.94 -53.91 4.34
C ASN C 32 33.93 -52.76 4.46
N ARG C 33 32.83 -52.79 3.71
CA ARG C 33 31.78 -51.77 3.83
C ARG C 33 30.76 -52.18 4.90
N ASP C 34 30.28 -51.20 5.66
CA ASP C 34 29.13 -51.40 6.51
C ASP C 34 27.87 -51.44 5.63
N VAL C 35 27.11 -52.54 5.72
CA VAL C 35 25.96 -52.74 4.86
C VAL C 35 24.77 -53.20 5.70
N ALA C 36 23.64 -53.38 5.03
CA ALA C 36 22.46 -54.01 5.60
C ALA C 36 22.24 -55.34 4.89
N VAL C 37 21.88 -56.36 5.65
CA VAL C 37 21.84 -57.74 5.15
C VAL C 37 20.40 -58.21 5.21
N LYS C 38 19.81 -58.46 4.05
CA LYS C 38 18.46 -59.00 3.96
C LYS C 38 18.51 -60.51 4.14
N ARG C 39 17.77 -61.01 5.13
CA ARG C 39 17.51 -62.45 5.26
C ARG C 39 16.13 -62.71 4.70
N ILE C 40 16.06 -63.45 3.59
CA ILE C 40 14.80 -63.76 2.92
C ILE C 40 14.51 -65.24 3.09
N LEU C 41 13.22 -65.57 3.21
CA LEU C 41 12.77 -66.91 3.55
C LEU C 41 12.64 -67.78 2.30
N PRO C 42 12.64 -69.11 2.47
CA PRO C 42 12.60 -70.00 1.30
C PRO C 42 11.47 -69.73 0.32
N GLU C 43 10.26 -69.48 0.81
CA GLU C 43 9.14 -69.21 -0.10
C GLU C 43 9.41 -68.01 -0.99
N CYS C 44 10.28 -67.09 -0.57
CA CYS C 44 10.58 -65.88 -1.30
C CYS C 44 11.81 -65.99 -2.20
N PHE C 45 12.50 -67.14 -2.19
CA PHE C 45 13.73 -67.27 -2.98
C PHE C 45 13.50 -66.98 -4.45
N SER C 46 12.38 -67.49 -5.01
CA SER C 46 12.14 -67.33 -6.43
C SER C 46 11.93 -65.87 -6.80
N PHE C 47 11.17 -65.14 -5.99
CA PHE C 47 10.90 -63.73 -6.30
C PHE C 47 12.17 -62.91 -6.24
N ALA C 48 13.04 -63.18 -5.27
CA ALA C 48 14.24 -62.37 -5.10
C ALA C 48 15.28 -62.67 -6.15
N ASP C 49 15.27 -63.87 -6.74
CA ASP C 49 16.31 -64.22 -7.70
C ASP C 49 16.13 -63.45 -9.00
N ARG C 50 14.91 -63.39 -9.53
CA ARG C 50 14.69 -62.75 -10.81
C ARG C 50 14.72 -61.23 -10.74
N GLU C 51 14.44 -60.65 -9.57
CA GLU C 51 14.53 -59.21 -9.41
C GLU C 51 15.98 -58.75 -9.31
N VAL C 52 16.80 -59.46 -8.53
CA VAL C 52 18.24 -59.20 -8.54
C VAL C 52 18.78 -59.37 -9.95
N GLN C 53 18.38 -60.45 -10.64
CA GLN C 53 18.81 -60.67 -12.01
C GLN C 53 18.47 -59.47 -12.88
N LEU C 54 17.20 -59.06 -12.89
CA LEU C 54 16.76 -57.95 -13.74
C LEU C 54 17.55 -56.67 -13.45
N LEU C 55 17.78 -56.37 -12.18
CA LEU C 55 18.52 -55.16 -11.83
C LEU C 55 19.95 -55.22 -12.36
N ARG C 56 20.58 -56.39 -12.29
CA ARG C 56 21.97 -56.51 -12.69
C ARG C 56 22.14 -56.37 -14.21
N GLU C 57 21.12 -56.72 -14.99
CA GLU C 57 21.20 -56.52 -16.44
C GLU C 57 21.36 -55.05 -16.76
N SER C 58 20.46 -54.21 -16.27
CA SER C 58 20.38 -52.81 -16.64
C SER C 58 21.31 -51.97 -15.77
N ASP C 59 21.36 -50.68 -16.07
CA ASP C 59 22.24 -49.77 -15.37
C ASP C 59 21.75 -49.56 -13.94
N GLU C 60 22.70 -49.27 -13.05
CA GLU C 60 22.36 -48.97 -11.66
C GLU C 60 21.71 -47.59 -11.57
N HIS C 61 20.53 -47.55 -11.00
CA HIS C 61 19.79 -46.30 -10.85
C HIS C 61 20.11 -45.67 -9.50
N PRO C 62 20.41 -44.37 -9.43
CA PRO C 62 20.85 -43.80 -8.15
C PRO C 62 19.76 -43.76 -7.09
N ASN C 63 18.50 -43.77 -7.49
CA ASN C 63 17.36 -43.74 -6.57
C ASN C 63 16.78 -45.11 -6.25
N VAL C 64 17.38 -46.19 -6.73
CA VAL C 64 17.05 -47.54 -6.27
C VAL C 64 18.19 -48.04 -5.39
N ILE C 65 17.85 -48.69 -4.29
CA ILE C 65 18.85 -49.07 -3.30
C ILE C 65 19.88 -50.00 -3.95
N ARG C 66 21.16 -49.75 -3.66
CA ARG C 66 22.25 -50.42 -4.36
C ARG C 66 22.41 -51.85 -3.85
N TYR C 67 22.35 -52.80 -4.77
CA TYR C 67 22.58 -54.21 -4.47
C TYR C 67 24.07 -54.52 -4.53
N PHE C 68 24.60 -55.12 -3.46
CA PHE C 68 26.01 -55.47 -3.39
C PHE C 68 26.26 -56.95 -3.68
N CYS C 69 25.73 -57.85 -2.86
CA CYS C 69 26.06 -59.27 -2.98
C CYS C 69 24.95 -60.13 -2.41
N THR C 70 24.97 -61.40 -2.79
CA THR C 70 24.05 -62.41 -2.30
C THR C 70 24.83 -63.60 -1.77
N GLU C 71 24.26 -64.25 -0.75
CA GLU C 71 24.82 -65.47 -0.18
C GLU C 71 23.68 -66.37 0.27
N LYS C 72 23.93 -67.68 0.24
CA LYS C 72 22.91 -68.67 0.54
C LYS C 72 23.49 -69.75 1.44
N ASP C 73 22.81 -70.00 2.56
CA ASP C 73 23.08 -71.14 3.42
C ASP C 73 21.89 -72.09 3.32
N ARG C 74 21.93 -73.17 4.10
CA ARG C 74 20.89 -74.19 3.99
C ARG C 74 19.49 -73.58 4.10
N GLN C 75 19.25 -72.81 5.15
CA GLN C 75 17.89 -72.32 5.42
C GLN C 75 17.51 -71.12 4.55
N PHE C 76 18.39 -70.12 4.45
CA PHE C 76 18.00 -68.81 3.94
C PHE C 76 18.92 -68.37 2.80
N GLN C 77 18.61 -67.19 2.27
CA GLN C 77 19.49 -66.43 1.39
C GLN C 77 19.76 -65.08 2.06
N TYR C 78 21.00 -64.61 1.96
CA TYR C 78 21.42 -63.36 2.57
C TYR C 78 21.88 -62.42 1.47
N ILE C 79 21.27 -61.24 1.40
CA ILE C 79 21.56 -60.25 0.37
C ILE C 79 22.04 -58.98 1.05
N ALA C 80 23.23 -58.51 0.68
CA ALA C 80 23.78 -57.27 1.21
C ALA C 80 23.31 -56.09 0.36
N ILE C 81 22.88 -55.02 1.03
CA ILE C 81 22.38 -53.82 0.37
C ILE C 81 23.01 -52.60 1.03
N GLU C 82 22.93 -51.47 0.33
CA GLU C 82 23.53 -50.24 0.84
C GLU C 82 22.88 -49.84 2.16
N LEU C 83 23.70 -49.33 3.08
CA LEU C 83 23.23 -48.90 4.38
C LEU C 83 22.85 -47.43 4.34
N CYS C 84 21.63 -47.12 4.79
CA CYS C 84 21.05 -45.80 4.70
C CYS C 84 20.86 -45.21 6.08
N ALA C 85 20.83 -43.87 6.14
CA ALA C 85 20.80 -43.17 7.41
C ALA C 85 19.43 -43.16 8.05
N ALA C 86 18.36 -43.27 7.26
CA ALA C 86 17.02 -42.96 7.76
C ALA C 86 15.97 -43.19 6.67
N THR C 87 14.70 -42.99 7.01
CA THR C 87 13.58 -43.20 6.12
C THR C 87 12.84 -41.89 5.92
N LEU C 88 12.02 -41.86 4.87
CA LEU C 88 11.23 -40.67 4.57
C LEU C 88 10.35 -40.23 5.73
N GLN C 89 10.00 -41.15 6.64
CA GLN C 89 9.20 -40.79 7.80
C GLN C 89 10.00 -39.92 8.77
N GLU C 90 11.30 -40.22 8.94
CA GLU C 90 12.17 -39.32 9.68
C GLU C 90 12.26 -37.98 8.98
N TYR C 91 12.52 -37.99 7.67
CA TYR C 91 12.68 -36.75 6.90
C TYR C 91 11.50 -35.81 7.11
N VAL C 92 10.28 -36.36 7.10
CA VAL C 92 9.09 -35.53 7.24
C VAL C 92 8.88 -35.09 8.69
N GLU C 93 9.05 -36.01 9.63
CA GLU C 93 8.75 -35.73 11.04
C GLU C 93 9.95 -35.25 11.84
N GLN C 94 11.12 -35.10 11.22
CA GLN C 94 12.27 -34.50 11.88
C GLN C 94 12.32 -33.00 11.57
N PHE C 97 15.60 -32.73 13.65
CA PHE C 97 14.92 -31.80 12.76
C PHE C 97 15.84 -31.27 11.67
N ALA C 98 17.05 -31.81 11.59
CA ALA C 98 18.06 -31.37 10.63
C ALA C 98 18.36 -32.48 9.65
N HIS C 99 18.32 -32.14 8.36
CA HIS C 99 18.66 -33.07 7.29
C HIS C 99 19.52 -32.35 6.26
N LEU C 100 19.91 -33.09 5.22
CA LEU C 100 20.66 -32.54 4.10
C LEU C 100 19.76 -31.60 3.30
N GLY C 101 20.41 -30.79 2.45
CA GLY C 101 19.73 -29.77 1.69
C GLY C 101 18.81 -30.33 0.62
N LEU C 102 18.60 -31.64 0.64
CA LEU C 102 17.59 -32.26 -0.20
C LEU C 102 16.22 -31.63 0.04
N GLU C 103 15.59 -31.14 -1.05
CA GLU C 103 14.31 -30.47 -1.03
C GLU C 103 13.17 -31.48 -1.20
N PRO C 104 11.97 -31.17 -0.71
CA PRO C 104 10.86 -32.13 -0.84
C PRO C 104 10.51 -32.49 -2.27
N ILE C 105 10.46 -31.52 -3.18
CA ILE C 105 10.02 -31.79 -4.54
C ILE C 105 11.07 -32.63 -5.28
N THR C 106 12.36 -32.38 -5.03
CA THR C 106 13.39 -33.19 -5.66
C THR C 106 13.45 -34.59 -5.05
N LEU C 107 13.14 -34.72 -3.77
CA LEU C 107 13.01 -36.03 -3.15
C LEU C 107 11.90 -36.84 -3.81
N LEU C 108 10.75 -36.20 -4.08
CA LEU C 108 9.66 -36.91 -4.73
C LEU C 108 10.00 -37.22 -6.19
N GLN C 109 10.75 -36.34 -6.84
CA GLN C 109 11.22 -36.62 -8.20
C GLN C 109 12.12 -37.84 -8.21
N GLN C 110 13.07 -37.91 -7.28
CA GLN C 110 13.94 -39.07 -7.17
C GLN C 110 13.13 -40.34 -6.92
N THR C 111 12.18 -40.28 -5.97
CA THR C 111 11.36 -41.45 -5.66
C THR C 111 10.59 -41.92 -6.88
N THR C 112 10.04 -40.98 -7.65
CA THR C 112 9.26 -41.36 -8.82
C THR C 112 10.16 -41.90 -9.92
N SER C 113 11.37 -41.35 -10.05
CA SER C 113 12.29 -41.85 -11.06
C SER C 113 12.75 -43.26 -10.74
N GLY C 114 13.07 -43.52 -9.47
CA GLY C 114 13.42 -44.88 -9.06
C GLY C 114 12.29 -45.85 -9.33
N LEU C 115 11.05 -45.45 -9.04
CA LEU C 115 9.91 -46.31 -9.32
C LEU C 115 9.77 -46.54 -10.82
N ALA C 116 10.00 -45.51 -11.63
CA ALA C 116 9.94 -45.66 -13.07
C ALA C 116 10.98 -46.64 -13.58
N HIS C 117 12.16 -46.67 -12.95
CA HIS C 117 13.17 -47.66 -13.31
C HIS C 117 12.66 -49.07 -13.07
N LEU C 118 12.02 -49.31 -11.92
CA LEU C 118 11.52 -50.65 -11.63
C LEU C 118 10.41 -51.04 -12.60
N HIS C 119 9.49 -50.13 -12.89
CA HIS C 119 8.39 -50.44 -13.79
C HIS C 119 8.88 -50.79 -15.20
N SER C 120 10.01 -50.20 -15.61
CA SER C 120 10.55 -50.53 -16.93
C SER C 120 11.13 -51.94 -16.94
N LEU C 121 11.74 -52.36 -15.85
CA LEU C 121 12.19 -53.74 -15.68
C LEU C 121 11.04 -54.70 -15.44
N ASN C 122 9.80 -54.20 -15.37
CA ASN C 122 8.61 -55.01 -15.10
C ASN C 122 8.63 -55.56 -13.68
N ILE C 123 9.12 -54.74 -12.74
CA ILE C 123 9.07 -55.04 -11.30
C ILE C 123 8.00 -54.14 -10.69
N VAL C 124 7.15 -54.72 -9.85
CA VAL C 124 6.14 -53.98 -9.10
C VAL C 124 6.53 -54.03 -7.62
N HIS C 125 6.62 -52.85 -7.00
CA HIS C 125 7.05 -52.76 -5.61
C HIS C 125 6.01 -53.35 -4.67
N ARG C 126 4.75 -52.92 -4.84
CA ARG C 126 3.54 -53.41 -4.19
C ARG C 126 3.49 -53.15 -2.68
N ASP C 127 4.63 -52.81 -2.06
CA ASP C 127 4.69 -52.39 -0.66
C ASP C 127 4.92 -50.89 -0.45
N LEU C 128 5.00 -50.07 -1.49
CA LEU C 128 5.59 -48.73 -1.36
C LEU C 128 4.90 -47.89 -0.29
N LYS C 129 5.71 -47.13 0.46
CA LYS C 129 5.25 -46.28 1.56
C LYS C 129 6.41 -45.50 2.17
N PRO C 130 6.15 -44.48 3.01
CA PRO C 130 7.25 -43.65 3.51
C PRO C 130 8.31 -44.43 4.24
N HIS C 131 7.93 -45.53 4.89
CA HIS C 131 8.89 -46.32 5.65
C HIS C 131 9.86 -47.05 4.73
N ASN C 132 9.43 -47.34 3.49
CA ASN C 132 10.26 -48.04 2.52
C ASN C 132 11.09 -47.12 1.64
N ILE C 133 10.94 -45.81 1.77
CA ILE C 133 11.73 -44.83 1.01
C ILE C 133 12.82 -44.31 1.93
N LEU C 134 14.08 -44.59 1.57
CA LEU C 134 15.20 -44.39 2.46
C LEU C 134 16.02 -43.17 2.04
N ILE C 135 16.59 -42.51 3.04
CA ILE C 135 17.46 -41.36 2.85
C ILE C 135 18.90 -41.84 3.01
N SER C 136 19.72 -41.62 1.98
CA SER C 136 21.10 -42.07 1.98
C SER C 136 21.94 -41.28 2.98
N MET C 137 23.08 -41.86 3.35
CA MET C 137 24.04 -41.18 4.19
C MET C 137 24.79 -40.12 3.38
N PRO C 138 25.30 -39.08 4.04
CA PRO C 138 26.02 -38.03 3.31
C PRO C 138 27.18 -38.59 2.51
N ASN C 139 27.28 -38.17 1.25
CA ASN C 139 28.37 -38.58 0.39
C ASN C 139 29.63 -37.78 0.75
N ALA C 140 30.67 -37.92 -0.08
CA ALA C 140 31.89 -37.15 0.12
C ALA C 140 31.59 -35.67 0.35
N HIS C 141 30.98 -35.01 -0.65
CA HIS C 141 30.70 -33.59 -0.58
C HIS C 141 29.61 -33.24 0.43
N GLY C 142 28.97 -34.24 1.05
CA GLY C 142 27.92 -33.98 2.01
C GLY C 142 26.53 -33.85 1.42
N LYS C 143 26.27 -34.47 0.27
CA LYS C 143 24.98 -34.43 -0.39
C LYS C 143 24.23 -35.72 -0.11
N ILE C 144 22.90 -35.59 0.01
CA ILE C 144 22.02 -36.72 0.31
C ILE C 144 20.96 -36.83 -0.78
N LYS C 145 20.51 -38.06 -1.01
CA LYS C 145 19.47 -38.38 -1.97
C LYS C 145 18.48 -39.35 -1.32
N ALA C 146 17.48 -39.74 -2.09
CA ALA C 146 16.46 -40.69 -1.64
C ALA C 146 16.54 -41.95 -2.49
N MET C 147 16.20 -43.08 -1.87
CA MET C 147 16.22 -44.37 -2.54
C MET C 147 15.01 -45.19 -2.13
N ILE C 148 14.39 -45.84 -3.11
CA ILE C 148 13.30 -46.76 -2.82
C ILE C 148 13.87 -48.12 -2.49
N SER C 149 13.35 -48.74 -1.43
CA SER C 149 13.78 -50.05 -1.00
C SER C 149 12.54 -50.89 -0.68
N ASP C 150 12.78 -52.16 -0.35
CA ASP C 150 11.72 -53.05 0.10
CA ASP C 150 11.71 -53.04 0.10
C ASP C 150 11.56 -53.10 1.62
N PHE C 151 12.52 -52.53 2.36
CA PHE C 151 12.52 -52.61 3.81
C PHE C 151 12.68 -51.22 4.41
N GLY C 152 12.09 -51.04 5.60
CA GLY C 152 12.24 -49.82 6.36
C GLY C 152 13.33 -49.95 7.42
N LEU C 153 13.51 -48.86 8.16
CA LEU C 153 14.52 -48.77 9.20
C LEU C 153 13.89 -48.32 10.50
N CYS C 154 14.08 -49.12 11.55
CA CYS C 154 13.48 -48.83 12.85
C CYS C 154 13.93 -47.47 13.39
N THR C 173 1.30 -46.71 9.31
CA THR C 173 2.04 -47.88 8.86
C THR C 173 1.27 -48.64 7.81
N GLU C 174 -0.05 -48.63 7.92
CA GLU C 174 -0.94 -49.36 7.04
C GLU C 174 -1.91 -48.38 6.39
N GLY C 175 -2.55 -48.84 5.31
CA GLY C 175 -3.42 -47.99 4.51
C GLY C 175 -2.75 -47.36 3.30
N TRP C 176 -1.61 -47.88 2.87
CA TRP C 176 -0.92 -47.41 1.68
C TRP C 176 -1.22 -48.26 0.44
N ILE C 177 -2.11 -49.25 0.56
CA ILE C 177 -2.37 -50.22 -0.51
C ILE C 177 -3.59 -49.79 -1.30
N ALA C 178 -3.53 -50.00 -2.61
CA ALA C 178 -4.61 -49.58 -3.49
C ALA C 178 -5.89 -50.34 -3.17
N PRO C 179 -7.06 -49.76 -3.47
CA PRO C 179 -8.31 -50.45 -3.14
C PRO C 179 -8.53 -51.74 -3.90
N GLU C 180 -8.04 -51.85 -5.14
CA GLU C 180 -8.29 -53.06 -5.93
C GLU C 180 -7.60 -54.27 -5.33
N MET C 181 -6.49 -54.06 -4.61
CA MET C 181 -5.76 -55.19 -4.05
C MET C 181 -6.50 -55.82 -2.87
N LEU C 182 -7.09 -54.99 -2.00
CA LEU C 182 -7.80 -55.51 -0.83
C LEU C 182 -8.92 -56.45 -1.25
N SER C 183 -9.83 -55.97 -2.10
CA SER C 183 -10.90 -56.80 -2.61
C SER C 183 -10.42 -57.60 -3.82
N ASN C 189 -1.23 -61.22 -9.35
CA ASN C 189 -0.30 -60.50 -10.20
C ASN C 189 -0.69 -59.03 -10.34
N PRO C 190 -0.22 -58.19 -9.43
CA PRO C 190 -0.57 -56.76 -9.50
C PRO C 190 0.21 -56.04 -10.59
N THR C 191 -0.40 -54.98 -11.12
CA THR C 191 0.22 -54.17 -12.14
C THR C 191 0.87 -52.95 -11.51
N TYR C 192 1.53 -52.13 -12.35
CA TYR C 192 2.27 -50.98 -11.86
C TYR C 192 1.37 -49.93 -11.23
N THR C 193 0.09 -49.91 -11.59
CA THR C 193 -0.82 -48.88 -11.11
C THR C 193 -0.99 -48.92 -9.60
N VAL C 194 -0.69 -50.06 -8.97
CA VAL C 194 -0.77 -50.16 -7.51
C VAL C 194 0.26 -49.23 -6.86
N ASP C 195 1.46 -49.15 -7.44
CA ASP C 195 2.49 -48.30 -6.87
C ASP C 195 2.18 -46.82 -7.05
N ILE C 196 1.43 -46.47 -8.09
CA ILE C 196 1.07 -45.07 -8.32
C ILE C 196 0.14 -44.58 -7.23
N PHE C 197 -0.83 -45.41 -6.83
CA PHE C 197 -1.71 -45.06 -5.73
C PHE C 197 -0.91 -44.82 -4.46
N SER C 198 0.02 -45.73 -4.15
CA SER C 198 0.85 -45.59 -2.96
C SER C 198 1.70 -44.33 -3.07
N ALA C 199 2.31 -44.11 -4.23
CA ALA C 199 3.13 -42.92 -4.41
C ALA C 199 2.30 -41.65 -4.21
N GLY C 200 1.09 -41.62 -4.76
CA GLY C 200 0.23 -40.46 -4.56
C GLY C 200 0.03 -40.13 -3.09
N CYS C 201 -0.12 -41.16 -2.27
CA CYS C 201 -0.25 -40.92 -0.83
C CYS C 201 1.06 -40.38 -0.27
N VAL C 202 2.20 -40.86 -0.78
CA VAL C 202 3.48 -40.36 -0.31
C VAL C 202 3.66 -38.90 -0.71
N PHE C 203 3.21 -38.55 -1.92
CA PHE C 203 3.29 -37.16 -2.36
C PHE C 203 2.59 -36.25 -1.37
N TYR C 204 1.32 -36.54 -1.07
CA TYR C 204 0.58 -35.74 -0.11
C TYR C 204 1.25 -35.76 1.26
N TYR C 205 1.79 -36.92 1.64
CA TYR C 205 2.44 -37.06 2.95
C TYR C 205 3.61 -36.08 3.09
N VAL C 206 4.43 -35.96 2.05
CA VAL C 206 5.57 -35.05 2.11
C VAL C 206 5.12 -33.60 2.05
N ILE C 207 4.17 -33.28 1.16
CA ILE C 207 3.72 -31.90 0.98
C ILE C 207 2.95 -31.42 2.20
N SER C 208 2.00 -32.24 2.67
CA SER C 208 1.22 -31.90 3.85
C SER C 208 2.05 -31.96 5.14
N GLU C 209 3.30 -32.42 5.07
CA GLU C 209 4.16 -32.53 6.23
C GLU C 209 3.56 -33.44 7.31
N GLY C 210 3.23 -34.67 6.88
CA GLY C 210 2.85 -35.74 7.77
C GLY C 210 1.41 -36.20 7.71
N SER C 211 0.52 -35.53 6.98
CA SER C 211 -0.85 -36.00 6.88
C SER C 211 -0.98 -37.06 5.77
N HIS C 212 -2.18 -37.65 5.66
CA HIS C 212 -2.45 -38.72 4.72
C HIS C 212 -3.74 -38.40 3.98
N PRO C 213 -3.85 -38.71 2.68
CA PRO C 213 -5.05 -38.31 1.93
C PRO C 213 -6.34 -38.90 2.50
N PHE C 214 -6.32 -40.18 2.88
CA PHE C 214 -7.50 -40.88 3.35
C PHE C 214 -7.69 -40.78 4.86
N GLY C 215 -6.85 -40.00 5.54
CA GLY C 215 -7.11 -39.65 6.93
C GLY C 215 -6.28 -40.44 7.91
N LYS C 216 -6.69 -40.33 9.18
CA LYS C 216 -6.03 -41.04 10.26
C LYS C 216 -6.06 -42.54 10.01
N SER C 217 -5.00 -43.22 10.46
CA SER C 217 -4.84 -44.64 10.19
C SER C 217 -6.04 -45.47 10.64
N LEU C 218 -6.82 -44.99 11.61
CA LEU C 218 -7.99 -45.72 12.08
C LEU C 218 -8.91 -46.13 10.93
N GLN C 219 -9.57 -45.15 10.34
CA GLN C 219 -10.59 -45.38 9.33
C GLN C 219 -10.09 -45.22 7.90
N ARG C 220 -8.80 -44.94 7.70
CA ARG C 220 -8.32 -44.75 6.33
C ARG C 220 -8.49 -46.00 5.50
N GLN C 221 -8.58 -47.18 6.12
CA GLN C 221 -8.86 -48.40 5.37
C GLN C 221 -10.27 -48.37 4.81
N ALA C 222 -11.24 -47.98 5.63
CA ALA C 222 -12.62 -47.82 5.14
C ALA C 222 -12.71 -46.70 4.12
N ASN C 223 -11.90 -45.65 4.28
CA ASN C 223 -11.95 -44.52 3.37
C ASN C 223 -11.43 -44.90 1.99
N ILE C 224 -10.36 -45.70 1.94
CA ILE C 224 -9.83 -46.15 0.65
C ILE C 224 -10.88 -46.97 -0.09
N LEU C 225 -11.52 -47.91 0.62
CA LEU C 225 -12.56 -48.72 0.01
C LEU C 225 -13.75 -47.88 -0.41
N LEU C 226 -13.98 -46.74 0.26
CA LEU C 226 -15.05 -45.82 -0.10
C LEU C 226 -14.65 -44.79 -1.16
N GLY C 227 -13.37 -44.63 -1.43
CA GLY C 227 -12.93 -43.56 -2.29
C GLY C 227 -13.06 -42.19 -1.67
N ALA C 228 -13.01 -42.12 -0.34
CA ALA C 228 -13.21 -40.87 0.38
C ALA C 228 -11.85 -40.33 0.80
N CYS C 229 -11.43 -39.24 0.16
CA CYS C 229 -10.12 -38.64 0.42
C CYS C 229 -10.28 -37.15 0.65
N SER C 230 -9.38 -36.60 1.46
CA SER C 230 -9.36 -35.16 1.75
C SER C 230 -7.94 -34.65 1.57
N LEU C 231 -7.77 -33.75 0.59
CA LEU C 231 -6.53 -33.07 0.28
C LEU C 231 -6.44 -31.70 0.96
N ASP C 232 -7.35 -31.41 1.89
CA ASP C 232 -7.57 -30.04 2.37
CA ASP C 232 -7.58 -30.05 2.38
C ASP C 232 -6.33 -29.39 2.96
N CYS C 233 -5.25 -30.13 3.19
CA CYS C 233 -4.00 -29.46 3.56
C CYS C 233 -3.46 -28.60 2.42
N LEU C 234 -3.92 -28.85 1.19
CA LEU C 234 -3.51 -28.06 0.04
C LEU C 234 -4.42 -26.85 -0.12
N HIS C 235 -3.83 -25.66 -0.19
CA HIS C 235 -4.62 -24.44 -0.27
C HIS C 235 -5.20 -24.28 -1.68
N PRO C 236 -6.49 -24.00 -1.81
CA PRO C 236 -7.07 -23.86 -3.16
C PRO C 236 -6.64 -22.61 -3.90
N GLU C 237 -6.20 -21.57 -3.18
CA GLU C 237 -5.72 -20.33 -3.77
C GLU C 237 -4.19 -20.22 -3.85
N LYS C 238 -3.45 -21.28 -3.52
CA LYS C 238 -2.00 -21.30 -3.66
C LYS C 238 -1.61 -22.08 -4.93
N HIS C 239 -0.87 -21.42 -5.82
CA HIS C 239 -0.42 -22.00 -7.08
C HIS C 239 0.22 -23.38 -6.90
N GLU C 240 1.31 -23.45 -6.12
CA GLU C 240 2.01 -24.72 -5.92
CA GLU C 240 2.00 -24.71 -5.93
C GLU C 240 1.05 -25.80 -5.43
N ASP C 241 0.11 -25.44 -4.55
CA ASP C 241 -0.84 -26.42 -4.02
C ASP C 241 -1.91 -26.80 -5.02
N VAL C 242 -2.34 -25.86 -5.86
CA VAL C 242 -3.33 -26.19 -6.89
C VAL C 242 -2.75 -27.18 -7.89
N ILE C 243 -1.51 -26.95 -8.32
CA ILE C 243 -0.85 -27.89 -9.22
C ILE C 243 -0.70 -29.24 -8.54
N ALA C 244 -0.20 -29.25 -7.31
CA ALA C 244 -0.01 -30.50 -6.59
C ALA C 244 -1.31 -31.28 -6.49
N ARG C 245 -2.43 -30.59 -6.27
CA ARG C 245 -3.70 -31.25 -6.11
C ARG C 245 -4.13 -31.97 -7.39
N GLU C 246 -3.90 -31.35 -8.55
CA GLU C 246 -4.31 -31.96 -9.81
C GLU C 246 -3.60 -33.28 -10.05
N LEU C 247 -2.30 -33.34 -9.72
CA LEU C 247 -1.54 -34.57 -9.91
C LEU C 247 -1.92 -35.61 -8.87
N ILE C 248 -1.93 -35.23 -7.58
CA ILE C 248 -2.13 -36.19 -6.51
C ILE C 248 -3.45 -36.93 -6.66
N GLU C 249 -4.53 -36.21 -6.97
CA GLU C 249 -5.84 -36.87 -7.04
C GLU C 249 -5.96 -37.74 -8.29
N LYS C 250 -5.16 -37.49 -9.33
CA LYS C 250 -5.09 -38.43 -10.45
C LYS C 250 -4.39 -39.71 -10.04
N MET C 251 -3.41 -39.63 -9.13
CA MET C 251 -2.61 -40.79 -8.76
C MET C 251 -3.35 -41.71 -7.81
N ILE C 252 -4.14 -41.14 -6.88
CA ILE C 252 -4.85 -41.93 -5.87
C ILE C 252 -6.25 -42.26 -6.37
N ALA C 253 -6.53 -41.94 -7.63
CA ALA C 253 -7.85 -42.18 -8.21
C ALA C 253 -8.30 -43.63 -7.99
N MET C 254 -9.59 -43.79 -7.67
CA MET C 254 -10.15 -45.10 -7.41
C MET C 254 -9.96 -46.02 -8.62
N ASP C 255 -10.25 -45.51 -9.82
CA ASP C 255 -10.13 -46.32 -11.02
C ASP C 255 -8.66 -46.49 -11.39
N PRO C 256 -8.12 -47.71 -11.42
CA PRO C 256 -6.69 -47.86 -11.75
C PRO C 256 -6.34 -47.35 -13.13
N GLN C 257 -7.28 -47.40 -14.09
CA GLN C 257 -6.96 -46.98 -15.45
C GLN C 257 -6.68 -45.48 -15.54
N LYS C 258 -7.25 -44.69 -14.62
CA LYS C 258 -7.09 -43.25 -14.65
C LYS C 258 -5.79 -42.77 -14.02
N ARG C 259 -4.97 -43.68 -13.49
CA ARG C 259 -3.73 -43.28 -12.85
C ARG C 259 -2.63 -43.13 -13.90
N PRO C 260 -1.82 -42.08 -13.81
CA PRO C 260 -0.69 -41.93 -14.75
C PRO C 260 0.47 -42.84 -14.40
N SER C 261 1.27 -43.17 -15.42
CA SER C 261 2.49 -43.93 -15.23
C SER C 261 3.55 -43.06 -14.57
N ALA C 262 4.54 -43.73 -13.97
CA ALA C 262 5.61 -43.02 -13.27
C ALA C 262 6.29 -42.00 -14.18
N LYS C 263 6.54 -42.37 -15.45
CA LYS C 263 7.13 -41.43 -16.39
C LYS C 263 6.22 -40.24 -16.63
N HIS C 264 4.92 -40.49 -16.76
CA HIS C 264 3.95 -39.40 -16.92
C HIS C 264 3.98 -38.46 -15.72
N VAL C 265 4.06 -39.02 -14.52
CA VAL C 265 4.10 -38.20 -13.30
C VAL C 265 5.27 -37.24 -13.34
N LEU C 266 6.41 -37.70 -13.89
CA LEU C 266 7.61 -36.87 -13.91
C LEU C 266 7.49 -35.67 -14.85
N LYS C 267 6.57 -35.72 -15.81
CA LYS C 267 6.37 -34.62 -16.73
C LYS C 267 5.35 -33.60 -16.24
N HIS C 268 4.73 -33.83 -15.09
CA HIS C 268 3.66 -32.97 -14.61
C HIS C 268 4.23 -31.61 -14.20
N PRO C 269 3.41 -30.55 -14.27
CA PRO C 269 3.88 -29.23 -13.84
C PRO C 269 4.37 -29.18 -12.40
N PHE C 270 4.05 -30.20 -11.60
CA PHE C 270 4.51 -30.26 -10.22
C PHE C 270 6.03 -30.22 -10.15
N PHE C 271 6.72 -30.83 -11.12
CA PHE C 271 8.17 -30.90 -11.14
C PHE C 271 8.83 -29.81 -12.00
N TRP C 272 8.06 -28.97 -12.69
CA TRP C 272 8.65 -27.97 -13.57
C TRP C 272 9.34 -26.87 -12.76
N SER C 273 10.49 -26.40 -13.25
CA SER C 273 11.16 -25.29 -12.61
C SER C 273 10.42 -24.00 -12.95
N LEU C 274 10.87 -22.89 -12.37
CA LEU C 274 10.24 -21.61 -12.66
C LEU C 274 10.50 -21.19 -14.11
N GLU C 275 11.66 -21.54 -14.65
CA GLU C 275 11.98 -21.20 -16.04
C GLU C 275 11.10 -21.98 -17.01
N LYS C 276 10.78 -23.23 -16.71
CA LYS C 276 9.93 -24.02 -17.58
C LYS C 276 8.47 -23.58 -17.48
N GLN C 277 8.02 -23.15 -16.30
CA GLN C 277 6.67 -22.63 -16.16
C GLN C 277 6.48 -21.38 -17.00
N LEU C 278 7.45 -20.47 -16.95
CA LEU C 278 7.36 -19.26 -17.77
C LEU C 278 7.48 -19.58 -19.25
N GLN C 279 8.31 -20.57 -19.59
CA GLN C 279 8.46 -20.95 -21.00
C GLN C 279 7.18 -21.58 -21.54
N PHE C 280 6.44 -22.32 -20.71
CA PHE C 280 5.17 -22.89 -21.13
C PHE C 280 4.17 -21.80 -21.46
N PHE C 281 4.12 -20.76 -20.62
CA PHE C 281 3.22 -19.64 -20.88
C PHE C 281 3.58 -18.94 -22.20
N GLN C 282 4.87 -18.76 -22.45
CA GLN C 282 5.31 -18.16 -23.70
C GLN C 282 4.85 -18.99 -24.90
N ASP C 283 5.07 -20.31 -24.84
CA ASP C 283 4.69 -21.16 -25.97
C ASP C 283 3.19 -21.23 -26.16
N VAL C 284 2.41 -21.09 -25.08
CA VAL C 284 0.95 -21.07 -25.22
C VAL C 284 0.50 -19.77 -25.86
N SER C 285 1.08 -18.65 -25.44
CA SER C 285 0.69 -17.35 -25.99
C SER C 285 0.95 -17.27 -27.49
N ASP C 286 2.12 -17.75 -27.93
CA ASP C 286 2.44 -17.73 -29.36
C ASP C 286 1.46 -18.59 -30.15
N ARG C 287 1.05 -19.72 -29.58
CA ARG C 287 0.17 -20.64 -30.29
C ARG C 287 -1.20 -20.02 -30.55
N ILE C 288 -1.72 -19.27 -29.58
CA ILE C 288 -3.07 -18.71 -29.69
C ILE C 288 -3.09 -17.31 -30.30
N GLU C 289 -1.93 -16.72 -30.59
CA GLU C 289 -1.92 -15.40 -31.23
C GLU C 289 -2.61 -15.46 -32.59
N LYS C 290 -2.27 -16.46 -33.41
CA LYS C 290 -2.90 -16.61 -34.71
C LYS C 290 -4.35 -17.08 -34.58
N GLU C 291 -4.69 -17.71 -33.47
CA GLU C 291 -6.00 -18.36 -33.34
C GLU C 291 -7.13 -17.33 -33.29
N SER C 292 -8.30 -17.77 -33.77
CA SER C 292 -9.50 -16.94 -33.75
C SER C 292 -10.15 -16.98 -32.37
N LEU C 293 -10.66 -15.83 -31.93
CA LEU C 293 -11.33 -15.76 -30.63
C LEU C 293 -12.63 -16.57 -30.60
N ASP C 294 -13.19 -16.91 -31.77
CA ASP C 294 -14.32 -17.80 -31.85
C ASP C 294 -13.92 -19.26 -31.95
N GLY C 295 -12.63 -19.56 -32.11
CA GLY C 295 -12.15 -20.90 -32.29
C GLY C 295 -12.32 -21.76 -31.04
N PRO C 296 -12.27 -23.09 -31.20
CA PRO C 296 -12.46 -23.96 -30.03
C PRO C 296 -11.34 -23.87 -29.01
N ILE C 297 -10.15 -23.39 -29.40
CA ILE C 297 -9.03 -23.31 -28.47
C ILE C 297 -9.20 -22.14 -27.51
N VAL C 298 -9.22 -20.92 -28.06
CA VAL C 298 -9.37 -19.73 -27.22
C VAL C 298 -10.63 -19.83 -26.37
N LYS C 299 -11.67 -20.50 -26.88
CA LYS C 299 -12.90 -20.65 -26.11
C LYS C 299 -12.65 -21.41 -24.82
N GLN C 300 -11.96 -22.55 -24.92
CA GLN C 300 -11.68 -23.35 -23.71
C GLN C 300 -10.81 -22.58 -22.74
N LEU C 301 -9.83 -21.84 -23.24
CA LEU C 301 -8.94 -21.09 -22.37
C LEU C 301 -9.68 -20.01 -21.59
N GLU C 302 -10.77 -19.49 -22.16
CA GLU C 302 -11.56 -18.45 -21.52
C GLU C 302 -12.76 -18.99 -20.75
N ARG C 303 -12.99 -20.31 -20.76
CA ARG C 303 -14.18 -20.91 -20.17
C ARG C 303 -14.47 -20.39 -18.78
N GLY C 304 -13.61 -20.73 -17.82
CA GLY C 304 -13.74 -20.21 -16.47
C GLY C 304 -12.87 -18.98 -16.26
N GLY C 305 -12.51 -18.31 -17.35
CA GLY C 305 -11.46 -17.30 -17.30
C GLY C 305 -11.70 -16.20 -16.30
N ARG C 306 -12.96 -15.83 -16.08
CA ARG C 306 -13.27 -14.70 -15.19
C ARG C 306 -12.72 -14.94 -13.79
N ALA C 307 -13.02 -16.10 -13.21
CA ALA C 307 -12.52 -16.41 -11.86
C ALA C 307 -11.01 -16.49 -11.83
N VAL C 308 -10.40 -17.07 -12.87
CA VAL C 308 -8.94 -17.20 -12.93
C VAL C 308 -8.28 -15.83 -12.85
N VAL C 309 -8.86 -14.83 -13.55
CA VAL C 309 -8.26 -13.50 -13.63
C VAL C 309 -8.75 -12.56 -12.55
N LYS C 310 -9.61 -13.03 -11.63
CA LYS C 310 -10.21 -12.18 -10.59
C LYS C 310 -11.04 -11.05 -11.20
N MET C 311 -11.56 -11.31 -12.40
CA MET C 311 -12.53 -10.50 -13.12
C MET C 311 -11.91 -9.23 -13.72
N ASP C 312 -10.77 -8.80 -13.20
CA ASP C 312 -9.86 -7.92 -13.92
C ASP C 312 -8.45 -8.28 -13.49
N TRP C 313 -7.54 -8.53 -14.43
CA TRP C 313 -6.16 -8.76 -14.04
C TRP C 313 -5.35 -7.47 -14.01
N ARG C 314 -5.90 -6.36 -14.54
CA ARG C 314 -5.25 -5.07 -14.39
C ARG C 314 -5.31 -4.58 -12.94
N GLU C 315 -6.32 -5.03 -12.19
CA GLU C 315 -6.45 -4.68 -10.78
C GLU C 315 -5.72 -5.65 -9.85
N ASN C 316 -5.25 -6.78 -10.38
CA ASN C 316 -4.53 -7.79 -9.61
C ASN C 316 -3.01 -7.64 -9.70
N ILE C 317 -2.52 -6.58 -10.35
CA ILE C 317 -1.08 -6.39 -10.55
C ILE C 317 -0.67 -5.08 -9.92
N THR C 318 0.64 -4.94 -9.72
CA THR C 318 1.22 -3.78 -9.06
C THR C 318 1.06 -2.54 -9.93
N VAL C 319 1.18 -1.37 -9.28
CA VAL C 319 0.92 -0.10 -9.96
C VAL C 319 1.85 0.14 -11.14
N PRO C 320 3.19 0.06 -11.00
CA PRO C 320 4.04 0.37 -12.16
C PRO C 320 3.72 -0.47 -13.40
N LEU C 321 3.49 -1.77 -13.24
CA LEU C 321 3.08 -2.58 -14.39
C LEU C 321 1.69 -2.20 -14.86
N GLN C 322 0.82 -1.78 -13.93
CA GLN C 322 -0.50 -1.31 -14.32
C GLN C 322 -0.42 -0.08 -15.20
N THR C 323 0.46 0.87 -14.84
CA THR C 323 0.63 2.08 -15.63
C THR C 323 1.14 1.76 -17.02
N ASP C 324 2.12 0.86 -17.11
CA ASP C 324 2.75 0.56 -18.39
C ASP C 324 1.77 -0.09 -19.36
N LEU C 325 0.91 -0.98 -18.87
CA LEU C 325 0.00 -1.72 -19.75
C LEU C 325 -1.25 -0.93 -20.13
N ARG C 326 -1.62 0.09 -19.36
CA ARG C 326 -2.76 0.91 -19.75
C ARG C 326 -2.50 1.63 -21.06
N LYS C 327 -1.24 1.73 -21.46
CA LYS C 327 -0.85 2.38 -22.70
C LYS C 327 -1.48 1.71 -23.92
N PHE C 328 -1.81 0.42 -23.82
CA PHE C 328 -2.15 -0.39 -24.98
C PHE C 328 -3.64 -0.72 -24.99
N ARG C 329 -4.24 -0.64 -26.17
CA ARG C 329 -5.66 -0.92 -26.35
C ARG C 329 -5.96 -2.41 -26.40
N THR C 330 -5.03 -3.22 -26.89
CA THR C 330 -5.33 -4.61 -27.20
C THR C 330 -5.56 -5.47 -25.96
N TYR C 331 -5.25 -4.98 -24.77
CA TYR C 331 -5.30 -5.78 -23.55
C TYR C 331 -6.66 -5.63 -22.88
N LYS C 332 -7.40 -6.73 -22.80
CA LYS C 332 -8.67 -6.77 -22.08
C LYS C 332 -8.48 -7.41 -20.72
N GLY C 333 -8.95 -6.72 -19.67
CA GLY C 333 -8.70 -7.16 -18.30
C GLY C 333 -9.46 -8.41 -17.90
N GLY C 334 -10.52 -8.76 -18.64
CA GLY C 334 -11.27 -9.96 -18.36
C GLY C 334 -10.85 -11.18 -19.15
N SER C 335 -9.79 -11.08 -19.94
CA SER C 335 -9.36 -12.15 -20.83
C SER C 335 -8.13 -12.86 -20.26
N VAL C 336 -8.15 -14.19 -20.32
CA VAL C 336 -6.99 -14.99 -19.96
C VAL C 336 -5.93 -14.93 -21.06
N ARG C 337 -6.36 -15.05 -22.33
CA ARG C 337 -5.42 -15.00 -23.44
C ARG C 337 -4.65 -13.68 -23.47
N ASP C 338 -5.31 -12.58 -23.11
CA ASP C 338 -4.63 -11.29 -23.06
C ASP C 338 -3.67 -11.21 -21.89
N LEU C 339 -3.95 -11.95 -20.81
CA LEU C 339 -2.99 -12.02 -19.71
C LEU C 339 -1.75 -12.79 -20.12
N LEU C 340 -1.93 -13.95 -20.77
CA LEU C 340 -0.79 -14.69 -21.29
C LEU C 340 -0.09 -13.91 -22.40
N ARG C 341 -0.82 -13.06 -23.12
CA ARG C 341 -0.20 -12.22 -24.13
C ARG C 341 0.61 -11.10 -23.49
N ALA C 342 0.07 -10.49 -22.43
CA ALA C 342 0.82 -9.45 -21.73
C ALA C 342 2.08 -10.02 -21.08
N MET C 343 2.00 -11.23 -20.52
CA MET C 343 3.17 -11.86 -19.93
C MET C 343 4.23 -12.14 -20.98
N ARG C 344 3.82 -12.64 -22.15
CA ARG C 344 4.77 -12.96 -23.21
C ARG C 344 5.43 -11.71 -23.76
N ASN C 345 4.65 -10.67 -24.04
CA ASN C 345 5.23 -9.44 -24.58
C ASN C 345 6.21 -8.80 -23.61
N LYS C 346 5.85 -8.73 -22.33
CA LYS C 346 6.73 -8.08 -21.36
C LYS C 346 7.95 -8.94 -21.01
N LYS C 347 7.92 -10.22 -21.33
CA LYS C 347 9.14 -11.03 -21.28
C LYS C 347 10.02 -10.79 -22.49
N HIS C 348 9.40 -10.55 -23.65
CA HIS C 348 10.15 -10.46 -24.90
C HIS C 348 11.06 -9.22 -24.92
N HIS C 349 10.49 -8.04 -24.67
CA HIS C 349 11.24 -6.79 -24.65
C HIS C 349 11.72 -6.42 -23.25
N TYR C 350 11.66 -7.34 -22.30
CA TYR C 350 11.89 -7.08 -20.88
C TYR C 350 13.10 -6.17 -20.59
N ARG C 351 14.20 -6.34 -21.31
CA ARG C 351 15.36 -5.48 -21.08
C ARG C 351 15.11 -4.03 -21.49
N GLU C 352 14.12 -3.79 -22.36
CA GLU C 352 13.75 -2.46 -22.81
C GLU C 352 12.75 -1.76 -21.89
N LEU C 353 12.28 -2.43 -20.84
CA LEU C 353 11.24 -1.87 -19.98
C LEU C 353 11.80 -0.74 -19.13
N PRO C 354 10.93 0.12 -18.60
CA PRO C 354 11.39 1.13 -17.63
C PRO C 354 11.97 0.48 -16.38
N ALA C 355 12.81 1.24 -15.69
CA ALA C 355 13.42 0.73 -14.46
C ALA C 355 12.36 0.38 -13.43
N GLU C 356 11.34 1.22 -13.27
CA GLU C 356 10.31 0.94 -12.27
C GLU C 356 9.61 -0.37 -12.57
N VAL C 357 9.35 -0.66 -13.86
CA VAL C 357 8.59 -1.85 -14.23
C VAL C 357 9.45 -3.11 -14.08
N ARG C 358 10.70 -3.06 -14.54
CA ARG C 358 11.61 -4.18 -14.30
C ARG C 358 11.78 -4.46 -12.82
N GLU C 359 11.62 -3.43 -11.98
CA GLU C 359 11.82 -3.56 -10.54
C GLU C 359 10.59 -4.13 -9.81
N THR C 360 9.37 -3.96 -10.35
CA THR C 360 8.21 -4.64 -9.76
C THR C 360 8.28 -6.13 -10.06
N LEU C 361 8.54 -6.43 -11.30
CA LEU C 361 9.06 -7.73 -11.66
C LEU C 361 10.51 -7.74 -11.20
N GLY C 362 11.29 -8.68 -11.62
CA GLY C 362 12.52 -8.88 -10.94
C GLY C 362 13.23 -9.90 -11.78
N SER C 363 14.14 -10.64 -11.17
CA SER C 363 14.89 -11.60 -11.94
C SER C 363 13.93 -12.39 -12.81
N LEU C 364 14.34 -12.61 -14.05
CA LEU C 364 13.59 -13.43 -14.96
C LEU C 364 14.46 -14.65 -15.14
N PRO C 365 13.85 -15.80 -15.37
CA PRO C 365 12.42 -16.10 -15.31
C PRO C 365 11.81 -16.14 -13.89
N ASP C 366 12.63 -16.25 -12.85
CA ASP C 366 12.14 -16.74 -11.55
C ASP C 366 11.10 -15.82 -10.93
N ASP C 367 11.47 -14.56 -10.68
CA ASP C 367 10.54 -13.66 -10.00
C ASP C 367 9.43 -13.19 -10.94
N PHE C 368 9.72 -13.14 -12.24
CA PHE C 368 8.73 -12.70 -13.22
C PHE C 368 7.53 -13.65 -13.23
N VAL C 369 7.79 -14.95 -13.23
CA VAL C 369 6.69 -15.90 -13.29
C VAL C 369 6.02 -16.05 -11.93
N CYS C 370 6.80 -15.99 -10.84
CA CYS C 370 6.21 -16.03 -9.52
C CYS C 370 5.33 -14.81 -9.28
N TYR C 371 5.69 -13.69 -9.89
CA TYR C 371 4.87 -12.50 -9.82
C TYR C 371 3.44 -12.78 -10.27
N PHE C 372 3.29 -13.51 -11.39
CA PHE C 372 1.97 -13.84 -11.91
C PHE C 372 1.35 -15.07 -11.23
N THR C 373 2.13 -16.13 -11.00
CA THR C 373 1.53 -17.36 -10.47
C THR C 373 1.05 -17.17 -9.04
N SER C 374 1.72 -16.33 -8.25
CA SER C 374 1.28 -16.08 -6.89
C SER C 374 0.01 -15.23 -6.85
N ARG C 375 -0.17 -14.33 -7.82
CA ARG C 375 -1.37 -13.50 -7.89
C ARG C 375 -2.49 -14.13 -8.72
N PHE C 376 -2.22 -15.22 -9.44
CA PHE C 376 -3.24 -15.92 -10.23
C PHE C 376 -3.02 -17.42 -10.06
N PRO C 377 -3.36 -17.96 -8.89
CA PRO C 377 -2.94 -19.35 -8.55
C PRO C 377 -3.49 -20.43 -9.46
N HIS C 378 -4.57 -20.17 -10.21
CA HIS C 378 -5.13 -21.17 -11.12
C HIS C 378 -4.65 -21.03 -12.55
N LEU C 379 -3.80 -20.03 -12.84
CA LEU C 379 -3.46 -19.75 -14.23
C LEU C 379 -2.77 -20.94 -14.90
N LEU C 380 -1.73 -21.49 -14.26
CA LEU C 380 -0.97 -22.57 -14.89
C LEU C 380 -1.80 -23.84 -15.00
N ALA C 381 -2.49 -24.21 -13.91
CA ALA C 381 -3.37 -25.37 -13.96
C ALA C 381 -4.45 -25.19 -15.02
N HIS C 382 -5.12 -24.04 -15.00
CA HIS C 382 -6.17 -23.75 -15.97
C HIS C 382 -5.63 -23.81 -17.39
N THR C 383 -4.53 -23.11 -17.65
CA THR C 383 -3.94 -23.12 -18.99
C THR C 383 -3.46 -24.51 -19.37
N TYR C 384 -2.84 -25.22 -18.43
CA TYR C 384 -2.33 -26.56 -18.71
C TYR C 384 -3.46 -27.52 -19.06
N ARG C 385 -4.62 -27.36 -18.44
CA ARG C 385 -5.75 -28.22 -18.77
C ARG C 385 -6.34 -27.83 -20.12
N ALA C 386 -6.54 -26.53 -20.35
CA ALA C 386 -7.21 -26.08 -21.55
C ALA C 386 -6.41 -26.43 -22.80
N MET C 387 -5.09 -26.37 -22.71
CA MET C 387 -4.23 -26.54 -23.88
C MET C 387 -3.97 -28.01 -24.21
N GLU C 388 -4.58 -28.94 -23.47
CA GLU C 388 -4.53 -30.35 -23.86
C GLU C 388 -4.95 -30.55 -25.30
N LEU C 389 -5.83 -29.68 -25.82
CA LEU C 389 -6.24 -29.78 -27.21
C LEU C 389 -5.06 -29.76 -28.16
N CYS C 390 -4.02 -29.00 -27.83
CA CYS C 390 -2.83 -28.87 -28.66
C CYS C 390 -1.72 -29.86 -28.27
N SER C 391 -1.99 -30.75 -27.31
CA SER C 391 -0.93 -31.61 -26.77
C SER C 391 -0.27 -32.48 -27.82
N HIS C 392 -0.94 -32.76 -28.94
CA HIS C 392 -0.37 -33.58 -29.99
C HIS C 392 0.60 -32.82 -30.88
N GLU C 393 0.66 -31.50 -30.77
CA GLU C 393 1.57 -30.70 -31.59
C GLU C 393 3.00 -30.82 -31.09
N ARG C 394 3.93 -30.71 -32.03
CA ARG C 394 5.35 -30.89 -31.71
C ARG C 394 5.83 -29.88 -30.67
N LEU C 395 5.26 -28.68 -30.65
CA LEU C 395 5.73 -27.64 -29.75
C LEU C 395 5.42 -27.98 -28.30
N PHE C 396 4.28 -28.61 -28.04
CA PHE C 396 3.86 -28.94 -26.69
C PHE C 396 4.26 -30.34 -26.25
N GLN C 397 5.02 -31.06 -27.07
CA GLN C 397 5.53 -32.36 -26.67
C GLN C 397 6.26 -32.35 -25.33
N PRO C 398 7.11 -31.38 -25.01
CA PRO C 398 7.79 -31.41 -23.70
C PRO C 398 6.87 -31.18 -22.51
N TYR C 399 5.74 -30.52 -22.70
CA TYR C 399 4.83 -30.20 -21.60
C TYR C 399 3.74 -31.25 -21.37
N TYR C 400 3.57 -32.21 -22.29
CA TYR C 400 2.58 -33.26 -22.16
C TYR C 400 3.22 -34.58 -22.57
N PHE C 401 2.84 -35.66 -21.89
CA PHE C 401 3.50 -36.94 -22.09
C PHE C 401 2.59 -37.87 -22.88
N HIS C 402 2.95 -38.12 -24.13
CA HIS C 402 2.61 -39.34 -24.83
C HIS C 402 3.85 -39.75 -25.62
N GLU C 403 4.32 -40.98 -25.36
CA GLU C 403 5.58 -41.52 -25.92
C GLU C 403 6.12 -40.79 -27.16
C1 4K7 D . -27.33 24.75 3.06
C2 4K7 D . -27.36 22.43 3.77
C3 4K7 D . -28.46 25.00 3.82
C4 4K7 D . -28.50 22.68 4.54
C5 4K7 D . -28.54 16.89 5.07
C6 4K7 D . -27.40 17.23 4.31
C7 4K7 D . -28.11 18.74 6.55
C8 4K7 D . -26.77 23.46 3.04
C9 4K7 D . -29.05 23.98 4.57
C10 4K7 D . -28.90 17.64 6.18
C11 4K7 D . -26.62 18.33 4.67
C12 4K7 D . -26.98 19.09 5.79
C13 4K7 D . -31.71 22.53 4.40
C14 4K7 D . -34.18 19.86 3.46
C15 4K7 D . -33.75 18.72 4.40
C16 4K7 D . -33.52 18.69 6.93
C17 4K7 D . -33.07 20.90 3.22
C18 4K7 D . -32.87 20.75 5.71
C19 4K7 D . -32.39 17.84 7.54
C20 4K7 D . -31.47 18.66 5.53
C21 4K7 D . -32.92 19.21 5.61
C22 4K7 D . -25.55 23.18 2.22
C23 4K7 D . -30.29 24.26 5.39
C24 4K7 D . -30.12 17.27 6.99
N25 4K7 D . -32.51 21.46 4.47
N26 4K7 D . -31.14 23.07 5.48
N27 4K7 D . -31.15 18.33 6.92
O28 4K7 D . -31.50 23.04 3.28
CL1 4K7 D . -25.22 18.77 3.75
CL2 4K7 D . -26.02 20.46 6.27
H1 4K7 D . -26.87 25.55 2.49
H2 4K7 D . -26.93 21.45 3.76
H3 4K7 D . -28.89 26.00 3.84
H4 4K7 D . -28.96 21.89 5.12
H5 4K7 D . -29.14 16.03 4.77
H6 4K7 D . -27.14 16.65 3.45
H7 4K7 D . -28.38 19.33 7.41
H8 4K7 D . -34.48 19.45 2.50
H9 4K7 D . -35.05 20.36 3.88
H10 4K7 D . -33.17 17.99 3.84
H11 4K7 D . -34.65 18.21 4.76
H12 4K7 D . -33.80 19.52 7.59
H13 4K7 D . -34.41 18.10 6.75
H14 4K7 D . -32.27 20.45 2.64
H15 4K7 D . -33.48 21.72 2.62
H16 4K7 D . -32.16 21.03 6.49
H17 4K7 D . -33.84 21.10 6.04
H18 4K7 D . -32.54 16.79 7.33
H19 4K7 D . -32.36 17.96 8.62
H20 4K7 D . -30.79 19.40 5.13
H21 4K7 D . -31.42 17.78 4.90
H22 4K7 D . -24.67 23.31 2.83
H23 4K7 D . -25.52 23.86 1.38
H24 4K7 D . -25.59 22.15 1.86
H25 4K7 D . -30.85 25.07 4.93
H26 4K7 D . -30.00 24.56 6.39
H27 4K7 D . -30.54 16.35 6.61
H28 4K7 D . -29.84 17.13 8.03
H29 4K7 D . -31.34 22.66 6.39
C1 4K7 E . -12.74 40.50 -2.48
C2 4K7 E . -10.39 40.47 -3.07
C3 4K7 E . -12.98 41.39 -3.52
C4 4K7 E . -10.63 41.37 -4.10
C5 4K7 E . -5.42 42.18 -3.45
C6 4K7 E . -5.79 41.19 -2.53
C7 4K7 E . -6.70 41.04 -5.17
C8 4K7 E . -11.44 40.03 -2.26
C9 4K7 E . -11.93 41.84 -4.33
C10 4K7 E . -5.89 42.10 -4.77
C11 4K7 E . -6.61 40.12 -2.93
C12 4K7 E . -7.07 40.05 -4.25
C13 4K7 E . -10.98 44.74 -4.63
C14 4K7 E . -8.90 47.77 -3.79
C15 4K7 E . -7.52 47.24 -4.24
C16 4K7 E . -6.75 46.52 -6.54
C17 4K7 E . -9.95 46.66 -3.60
C18 4K7 E . -9.02 45.78 -5.76
C19 4K7 E . -6.02 45.22 -6.90
C20 4K7 E . -6.94 44.83 -4.75
C21 4K7 E . -7.59 46.12 -5.31
C22 4K7 E . -11.17 39.05 -1.14
C23 4K7 E . -12.20 42.81 -5.45
C24 4K7 E . -5.48 43.18 -5.76
N25 4K7 E . -10.02 45.67 -4.69
N26 4K7 E . -11.12 43.80 -5.57
N27 4K7 E . -6.53 44.17 -6.00
O28 4K7 E . -11.76 44.77 -3.67
CL1 4K7 E . -7.07 38.89 -1.80
CL2 4K7 E . -8.09 38.71 -4.71
H1 4K7 E . -13.55 40.15 -1.86
H2 4K7 E . -9.38 40.11 -2.88
H3 4K7 E . -13.98 41.76 -3.69
H4 4K7 E . -9.82 41.72 -4.73
H5 4K7 E . -4.80 43.00 -3.14
H6 4K7 E . -5.45 41.25 -1.52
H7 4K7 E . -7.05 40.98 -6.19
H8 4K7 E . -8.78 48.31 -2.86
H9 4K7 E . -9.27 48.47 -4.54
H10 4K7 E . -7.00 46.87 -3.37
H11 4K7 E . -6.94 48.07 -4.64
H12 4K7 E . -7.38 46.87 -7.35
H13 4K7 E . -6.06 47.32 -6.29
H14 4K7 E . -9.74 46.14 -2.67
H15 4K7 E . -10.93 47.12 -3.49
H16 4K7 E . -8.99 44.84 -6.31
H17 4K7 E . -9.35 46.53 -6.47
H18 4K7 E . -4.94 45.34 -6.77
H19 4K7 E . -6.19 44.95 -7.94
H20 4K7 E . -7.66 44.23 -4.19
H21 4K7 E . -6.09 45.06 -4.12
H22 4K7 E . -11.24 38.04 -1.53
H23 4K7 E . -11.90 39.20 -0.35
H24 4K7 E . -10.17 39.22 -0.75
H25 4K7 E . -13.13 43.33 -5.26
H26 4K7 E . -12.29 42.27 -6.39
H27 4K7 E . -4.59 43.68 -5.36
H28 4K7 E . -5.22 42.71 -6.70
H29 4K7 E . -10.49 43.78 -6.36
C1 4K7 F . 18.07 -56.37 -3.58
C2 4K7 F . 16.07 -55.56 -4.68
C3 4K7 F . 17.55 -57.67 -3.60
C4 4K7 F . 15.54 -56.85 -4.70
C5 4K7 F . 10.45 -54.04 -3.77
C6 4K7 F . 11.49 -53.11 -3.74
C7 4K7 F . 11.43 -55.08 -5.72
C8 4K7 F . 17.34 -55.32 -4.12
C9 4K7 F . 16.28 -57.91 -4.17
C10 4K7 F . 10.41 -55.03 -4.77
C11 4K7 F . 12.51 -53.16 -4.71
C12 4K7 F . 12.47 -54.15 -5.69
C13 4K7 F . 14.00 -59.11 -2.49
C14 4K7 F . 11.00 -59.42 -0.31
C15 4K7 F . 9.86 -58.91 -1.22
C16 4K7 F . 9.21 -59.53 -3.60
C17 4K7 F . 12.36 -58.85 -0.73
C18 4K7 F . 11.61 -59.61 -2.98
C19 4K7 F . 8.66 -58.34 -4.42
C20 4K7 F . 10.44 -57.41 -3.18
C21 4K7 F . 10.29 -58.87 -2.71
C22 4K7 F . 17.90 -53.92 -4.09
C23 4K7 F . 15.75 -59.32 -4.18
C24 4K7 F . 9.28 -56.05 -4.79
N25 4K7 F . 12.73 -59.20 -2.11
N26 4K7 F . 14.36 -59.40 -3.74
N27 4K7 F . 9.79 -57.40 -4.50
O28 4K7 F . 14.88 -58.74 -1.68
CL1 4K7 F . 13.80 -52.00 -4.66
CL2 4K7 F . 13.74 -54.23 -6.88
H1 4K7 F . 19.05 -56.19 -3.14
H2 4K7 F . 15.50 -54.73 -5.09
H3 4K7 F . 18.12 -58.49 -3.19
H4 4K7 F . 14.57 -57.03 -5.14
H5 4K7 F . 9.66 -54.00 -3.03
H6 4K7 F . 11.51 -52.35 -2.98
H7 4K7 F . 11.41 -55.85 -6.49
H8 4K7 F . 11.03 -60.51 -0.36
H9 4K7 F . 10.79 -59.15 0.72
H10 4K7 F . 9.58 -57.91 -0.90
H11 4K7 F . 8.99 -59.55 -1.11
H12 4K7 F . 9.63 -60.29 -4.24
H13 4K7 F . 8.42 -59.98 -3.00
H14 4K7 F . 13.12 -59.21 -0.05
H15 4K7 F . 12.33 -57.76 -0.63
H16 4K7 F . 11.90 -59.45 -4.01
H17 4K7 F . 11.45 -60.68 -2.86
H18 4K7 F . 7.80 -57.88 -3.94
H19 4K7 F . 8.37 -58.66 -5.42
H20 4K7 F . 11.50 -57.14 -3.26
H21 4K7 F . 9.97 -56.72 -2.49
H22 4K7 F . 18.44 -53.73 -5.02
H23 4K7 F . 18.58 -53.83 -3.24
H24 4K7 F . 17.09 -53.20 -3.99
H25 4K7 F . 16.35 -59.94 -3.52
H26 4K7 F . 15.83 -59.71 -5.20
H27 4K7 F . 8.54 -55.77 -4.05
H28 4K7 F . 8.83 -56.05 -5.78
H29 4K7 F . 13.64 -59.70 -4.39
#